data_4G42
#
_entry.id   4G42
#
_cell.length_a   165.832
_cell.length_b   40.108
_cell.length_c   130.952
_cell.angle_alpha   90.00
_cell.angle_beta   119.56
_cell.angle_gamma   90.00
#
_symmetry.space_group_name_H-M   'C 1 2 1'
#
loop_
_entity.id
_entity.type
_entity.pdbx_description
1 polymer 'MHC class I alpha chain 2'
2 polymer 'Beta-2 microglobulin'
3 polymer '8-MERIC PEPTIDE P8D'
4 water water
#
loop_
_entity_poly.entity_id
_entity_poly.type
_entity_poly.pdbx_seq_one_letter_code
_entity_poly.pdbx_strand_id
1 'polypeptide(L)'
;MEFELHTLRYIRTAMTDPGPGQPWFVTVGYVDGELFVHYNSTARRYVPRTEWIAANTDQQYWDGQTQIGQLNEQINRENL
GIRQRRYNQTGGSHTVQWMFGCDILEDGTIRGYRQSAYDGRDFIALDKDMKTFTAAVPEAVPTKRKWEEESEPERWKNYL
EETCVEWLRRYVEYGKAELGRRERPEVRVWGKEADGILTLSCRAHGFYPRPIVVSWLKDGAVRGQDAHSGGIVPNGDGTY
HTWVTIEAQPGDGDKYQCRVEHASLPQPGLYSWKL
;
A,D
2 'polypeptide(L)'
;MEFDLTPKVQVYSRFPASAGTKNVLNCFAAGFHPPKISITLMKDGVPMEGAQYSDMSFNDDWTFQRLVHADFTPSSGSTY
ACKVEHETLKEPQVYKWDPEF
;
B,E
3 'polypeptide(L)' IDWFDGKD C,F
#
# COMPACT_ATOMS: atom_id res chain seq x y z
N GLU A 4 -41.44 3.35 14.50
CA GLU A 4 -41.08 2.13 13.78
C GLU A 4 -41.23 2.39 12.29
N LEU A 5 -40.34 1.82 11.49
CA LEU A 5 -39.26 0.97 11.95
C LEU A 5 -38.37 1.61 13.01
N HIS A 6 -37.89 0.79 13.95
CA HIS A 6 -36.90 1.22 14.94
C HIS A 6 -35.72 0.24 14.94
N THR A 7 -34.52 0.74 15.18
CA THR A 7 -33.33 -0.10 15.15
C THR A 7 -32.36 0.17 16.28
N LEU A 8 -31.70 -0.89 16.72
CA LEU A 8 -30.60 -0.82 17.67
C LEU A 8 -29.41 -1.50 17.01
N ARG A 9 -28.26 -0.81 17.04
CA ARG A 9 -27.07 -1.33 16.37
C ARG A 9 -25.83 -1.04 17.20
N TYR A 10 -25.01 -2.07 17.38
CA TYR A 10 -23.71 -1.88 17.99
C TYR A 10 -22.65 -2.24 16.97
N ILE A 11 -21.61 -1.42 16.88
CA ILE A 11 -20.49 -1.75 16.00
C ILE A 11 -19.18 -1.68 16.76
N ARG A 12 -18.39 -2.72 16.61
CA ARG A 12 -17.16 -2.88 17.38
C ARG A 12 -15.98 -2.86 16.46
N THR A 13 -14.97 -2.08 16.83
CA THR A 13 -13.71 -2.08 16.11
C THR A 13 -12.55 -2.39 17.06
N ALA A 14 -11.76 -3.38 16.71
CA ALA A 14 -10.55 -3.71 17.47
C ALA A 14 -9.36 -3.70 16.53
N MET A 15 -8.38 -2.84 16.79
CA MET A 15 -7.27 -2.67 15.88
C MET A 15 -5.90 -2.74 16.52
N THR A 16 -4.95 -3.30 15.76
CA THR A 16 -3.55 -3.33 16.17
C THR A 16 -2.86 -1.99 15.87
N ASP A 17 -3.47 -1.19 15.01
CA ASP A 17 -2.85 0.04 14.53
C ASP A 17 -3.81 1.23 14.35
N PRO A 18 -4.19 1.90 15.45
CA PRO A 18 -5.29 2.85 15.63
C PRO A 18 -5.04 4.07 14.71
N GLY A 19 -3.97 4.84 14.87
CA GLY A 19 -2.99 4.72 15.93
C GLY A 19 -2.46 5.73 16.95
N PRO A 20 -2.17 6.95 16.52
CA PRO A 20 -1.38 7.92 17.30
C PRO A 20 -2.46 8.58 18.13
N GLY A 21 -2.31 8.52 19.43
CA GLY A 21 -3.32 9.03 20.33
C GLY A 21 -4.75 8.59 20.14
N GLN A 22 -4.93 7.47 19.49
CA GLN A 22 -6.26 6.94 19.21
C GLN A 22 -6.46 5.62 19.95
N PRO A 23 -7.70 5.37 20.40
CA PRO A 23 -7.99 4.13 21.14
C PRO A 23 -8.00 2.94 20.20
N TRP A 24 -7.36 1.84 20.60
CA TRP A 24 -7.30 0.64 19.76
C TRP A 24 -8.61 -0.15 19.78
N PHE A 25 -9.43 0.10 20.79
CA PHE A 25 -10.71 -0.60 20.89
C PHE A 25 -11.85 0.38 21.13
N VAL A 26 -12.90 0.27 20.31
CA VAL A 26 -14.04 1.17 20.36
C VAL A 26 -15.33 0.39 20.17
N THR A 27 -16.39 0.83 20.83
CA THR A 27 -17.74 0.33 20.56
C THR A 27 -18.73 1.49 20.63
N VAL A 28 -19.56 1.65 19.60
CA VAL A 28 -20.57 2.70 19.60
C VAL A 28 -21.95 2.15 19.28
N GLY A 29 -22.97 2.67 19.97
CA GLY A 29 -24.32 2.20 19.80
C GLY A 29 -25.25 3.22 19.15
N TYR A 30 -26.12 2.74 18.27
CA TYR A 30 -27.03 3.62 17.55
C TYR A 30 -28.47 3.14 17.68
N VAL A 31 -29.37 4.08 17.97
CA VAL A 31 -30.81 3.83 17.95
C VAL A 31 -31.45 4.62 16.81
N ASP A 32 -32.17 3.93 15.94
CA ASP A 32 -32.76 4.55 14.75
C ASP A 32 -31.72 5.32 13.93
N GLY A 33 -30.50 4.79 13.90
CA GLY A 33 -29.43 5.40 13.13
C GLY A 33 -28.73 6.58 13.77
N GLU A 34 -29.02 6.87 15.04
CA GLU A 34 -28.38 8.00 15.72
C GLU A 34 -27.51 7.55 16.88
N LEU A 35 -26.32 8.13 16.99
CA LEU A 35 -25.38 7.78 18.06
C LEU A 35 -25.98 8.07 19.42
N PHE A 36 -25.94 7.11 20.33
CA PHE A 36 -26.49 7.33 21.67
C PHE A 36 -25.57 6.81 22.77
N VAL A 37 -24.57 6.04 22.39
CA VAL A 37 -23.68 5.43 23.37
C VAL A 37 -22.27 5.20 22.81
N HIS A 38 -21.26 5.41 23.66
CA HIS A 38 -19.85 5.34 23.24
C HIS A 38 -18.95 4.72 24.31
N TYR A 39 -18.12 3.77 23.89
CA TYR A 39 -17.08 3.21 24.74
C TYR A 39 -15.77 3.06 23.95
N ASN A 40 -14.64 3.39 24.57
CA ASN A 40 -13.33 3.12 23.98
C ASN A 40 -12.28 2.77 25.03
N SER A 41 -11.19 2.15 24.57
CA SER A 41 -10.15 1.63 25.48
C SER A 41 -9.33 2.70 26.20
N THR A 42 -9.41 3.94 25.73
CA THR A 42 -8.74 5.04 26.41
C THR A 42 -9.57 5.51 27.58
N ALA A 43 -10.85 5.77 27.30
CA ALA A 43 -11.79 6.19 28.34
C ALA A 43 -12.05 5.09 29.36
N ARG A 44 -12.13 3.84 28.89
CA ARG A 44 -12.41 2.70 29.77
C ARG A 44 -13.74 2.87 30.46
N ARG A 45 -14.69 3.44 29.73
CA ARG A 45 -15.93 3.92 30.33
C ARG A 45 -16.96 4.05 29.22
N TYR A 46 -18.19 3.58 29.46
CA TYR A 46 -19.29 3.88 28.54
C TYR A 46 -19.88 5.23 28.90
N VAL A 47 -20.20 6.05 27.89
CA VAL A 47 -20.80 7.35 28.13
C VAL A 47 -21.99 7.63 27.23
N PRO A 48 -22.99 8.36 27.75
CA PRO A 48 -24.15 8.77 26.95
C PRO A 48 -23.74 9.76 25.86
N ARG A 49 -24.38 9.66 24.71
CA ARG A 49 -24.15 10.63 23.64
C ARG A 49 -25.45 11.36 23.26
N THR A 50 -26.53 11.09 23.98
CA THR A 50 -27.76 11.88 23.86
C THR A 50 -28.33 12.19 25.24
N GLU A 51 -29.00 13.33 25.35
CA GLU A 51 -29.60 13.72 26.62
C GLU A 51 -30.61 12.70 27.10
N TRP A 52 -31.40 12.15 26.18
CA TRP A 52 -32.46 11.23 26.59
C TRP A 52 -31.96 9.91 27.21
N ILE A 53 -30.85 9.35 26.71
CA ILE A 53 -30.34 8.11 27.31
C ILE A 53 -29.81 8.37 28.72
N ALA A 54 -29.14 9.51 28.90
CA ALA A 54 -28.60 9.88 30.20
C ALA A 54 -29.70 10.09 31.23
N ALA A 55 -30.80 10.69 30.80
CA ALA A 55 -31.88 11.07 31.69
C ALA A 55 -32.78 9.91 32.10
N ASN A 56 -32.69 8.79 31.38
CA ASN A 56 -33.57 7.65 31.64
C ASN A 56 -32.82 6.38 32.02
N THR A 57 -31.59 6.53 32.50
CA THR A 57 -30.82 5.38 32.98
C THR A 57 -30.26 5.71 34.35
N ASP A 58 -29.95 4.69 35.13
CA ASP A 58 -29.34 4.91 36.44
C ASP A 58 -27.86 4.49 36.39
N GLN A 59 -27.15 4.71 37.49
CA GLN A 59 -25.72 4.44 37.52
C GLN A 59 -25.40 2.97 37.22
N GLN A 60 -26.34 2.09 37.54
CA GLN A 60 -26.22 0.67 37.25
C GLN A 60 -25.91 0.44 35.79
N TYR A 61 -26.62 1.20 34.95
CA TYR A 61 -26.58 1.01 33.51
C TYR A 61 -25.18 1.32 33.00
N TRP A 62 -24.58 2.39 33.52
CA TRP A 62 -23.27 2.80 33.01
C TRP A 62 -22.14 1.97 33.57
N ASP A 63 -22.25 1.60 34.84
CA ASP A 63 -21.22 0.79 35.48
C ASP A 63 -21.18 -0.61 34.88
N GLY A 64 -22.36 -1.16 34.58
CA GLY A 64 -22.46 -2.46 33.93
C GLY A 64 -21.95 -2.43 32.51
N GLN A 65 -22.48 -1.51 31.71
CA GLN A 65 -22.03 -1.38 30.33
C GLN A 65 -20.52 -1.10 30.27
N THR A 66 -20.03 -0.22 31.12
CA THR A 66 -18.60 0.04 31.21
C THR A 66 -17.81 -1.27 31.36
N GLN A 67 -18.22 -2.11 32.32
CA GLN A 67 -17.51 -3.37 32.56
C GLN A 67 -17.76 -4.41 31.47
N ILE A 68 -18.90 -4.33 30.81
CA ILE A 68 -19.11 -5.13 29.60
C ILE A 68 -18.10 -4.67 28.56
N GLY A 69 -17.91 -3.36 28.45
CA GLY A 69 -16.95 -2.80 27.52
C GLY A 69 -15.53 -3.24 27.84
N GLN A 70 -15.18 -3.22 29.11
CA GLN A 70 -13.82 -3.58 29.54
C GLN A 70 -13.56 -5.07 29.30
N LEU A 71 -14.59 -5.88 29.52
CA LEU A 71 -14.53 -7.31 29.28
C LEU A 71 -14.31 -7.61 27.80
N ASN A 72 -15.11 -6.97 26.95
CA ASN A 72 -15.01 -7.10 25.50
C ASN A 72 -13.62 -6.71 25.03
N GLU A 73 -13.01 -5.78 25.74
CA GLU A 73 -11.68 -5.31 25.41
C GLU A 73 -10.64 -6.41 25.53
N GLN A 74 -10.74 -7.21 26.60
CA GLN A 74 -9.81 -8.32 26.80
C GLN A 74 -10.10 -9.45 25.82
N ILE A 75 -11.37 -9.73 25.59
CA ILE A 75 -11.77 -10.79 24.66
C ILE A 75 -11.29 -10.46 23.25
N ASN A 76 -11.42 -9.17 22.89
CA ASN A 76 -11.03 -8.70 21.56
C ASN A 76 -9.52 -8.59 21.40
N ARG A 77 -8.83 -8.32 22.49
CA ARG A 77 -7.37 -8.37 22.46
C ARG A 77 -6.92 -9.77 22.04
N GLU A 78 -7.51 -10.79 22.67
CA GLU A 78 -7.19 -12.18 22.36
C GLU A 78 -7.65 -12.57 20.95
N ASN A 79 -8.85 -12.14 20.57
CA ASN A 79 -9.36 -12.48 19.25
C ASN A 79 -8.50 -11.91 18.11
N LEU A 80 -8.01 -10.69 18.28
CA LEU A 80 -7.03 -10.13 17.35
C LEU A 80 -5.85 -11.07 17.21
N GLY A 81 -5.38 -11.58 18.35
CA GLY A 81 -4.25 -12.49 18.36
C GLY A 81 -4.59 -13.77 17.63
N ILE A 82 -5.78 -14.29 17.88
CA ILE A 82 -6.20 -15.56 17.32
C ILE A 82 -6.37 -15.51 15.80
N ARG A 83 -7.01 -14.45 15.32
CA ARG A 83 -7.26 -14.33 13.89
C ARG A 83 -5.97 -14.07 13.11
N GLN A 84 -5.09 -13.26 13.68
CA GLN A 84 -3.78 -13.05 13.06
C GLN A 84 -3.03 -14.38 12.91
N ARG A 85 -3.07 -15.21 13.94
CA ARG A 85 -2.39 -16.50 13.91
C ARG A 85 -3.03 -17.45 12.91
N ARG A 86 -4.35 -17.39 12.78
CA ARG A 86 -5.05 -18.17 11.77
C ARG A 86 -4.55 -17.77 10.38
N TYR A 87 -4.25 -16.48 10.22
CA TYR A 87 -3.79 -15.95 8.94
C TYR A 87 -2.27 -15.93 8.87
N ASN A 88 -1.63 -16.56 9.84
CA ASN A 88 -0.17 -16.61 9.89
C ASN A 88 0.47 -15.23 9.88
N GLN A 89 -0.19 -14.25 10.50
CA GLN A 89 0.38 -12.92 10.62
C GLN A 89 1.19 -12.78 11.91
N THR A 90 2.29 -12.05 11.82
CA THR A 90 3.14 -11.83 12.98
C THR A 90 3.31 -10.35 13.26
N GLY A 91 2.56 -9.53 12.54
CA GLY A 91 2.63 -8.08 12.71
C GLY A 91 1.73 -7.37 11.72
N GLY A 92 1.84 -6.05 11.69
CA GLY A 92 1.09 -5.25 10.75
C GLY A 92 -0.23 -4.70 11.28
N SER A 93 -0.90 -3.90 10.46
CA SER A 93 -2.22 -3.39 10.80
C SER A 93 -3.29 -4.44 10.52
N HIS A 94 -4.05 -4.78 11.55
CA HIS A 94 -5.16 -5.70 11.40
C HIS A 94 -6.32 -5.29 12.31
N THR A 95 -7.53 -5.73 11.94
CA THR A 95 -8.73 -5.30 12.66
C THR A 95 -9.79 -6.38 12.75
N VAL A 96 -10.43 -6.45 13.91
CA VAL A 96 -11.64 -7.24 14.07
C VAL A 96 -12.82 -6.29 14.10
N GLN A 97 -13.89 -6.66 13.42
CA GLN A 97 -15.10 -5.85 13.41
C GLN A 97 -16.30 -6.70 13.80
N TRP A 98 -17.09 -6.19 14.74
CA TRP A 98 -18.36 -6.82 15.04
C TRP A 98 -19.50 -5.86 14.75
N MET A 99 -20.59 -6.42 14.24
CA MET A 99 -21.77 -5.64 13.93
C MET A 99 -23.00 -6.46 14.25
N PHE A 100 -23.77 -6.02 15.25
CA PHE A 100 -24.97 -6.75 15.65
C PHE A 100 -26.07 -5.80 16.12
N GLY A 101 -27.27 -6.33 16.27
CA GLY A 101 -28.41 -5.55 16.72
C GLY A 101 -29.73 -6.10 16.24
N CYS A 102 -30.79 -5.34 16.46
CA CYS A 102 -32.14 -5.80 16.13
C CYS A 102 -32.99 -4.69 15.52
N ASP A 103 -33.96 -5.08 14.70
CA ASP A 103 -34.95 -4.16 14.16
C ASP A 103 -36.31 -4.49 14.74
N ILE A 104 -37.11 -3.47 15.01
CA ILE A 104 -38.53 -3.68 15.30
C ILE A 104 -39.35 -3.01 14.21
N LEU A 105 -40.03 -3.81 13.40
CA LEU A 105 -40.76 -3.29 12.30
C LEU A 105 -42.11 -2.82 12.74
N GLU A 106 -42.65 -1.83 12.07
CA GLU A 106 -43.95 -1.32 12.50
C GLU A 106 -44.97 -2.42 12.78
N ASP A 107 -44.84 -3.52 12.08
CA ASP A 107 -45.77 -4.62 12.33
C ASP A 107 -45.66 -5.63 13.47
N GLY A 108 -44.81 -5.33 14.44
CA GLY A 108 -44.62 -6.20 15.58
C GLY A 108 -43.57 -7.26 15.32
N THR A 109 -43.13 -7.36 14.07
CA THR A 109 -42.12 -8.35 13.69
C THR A 109 -40.72 -7.78 13.90
N ILE A 110 -39.84 -8.60 14.45
CA ILE A 110 -38.47 -8.17 14.74
C ILE A 110 -37.47 -8.83 13.80
N ARG A 111 -36.23 -8.35 13.84
CA ARG A 111 -35.15 -8.97 13.11
C ARG A 111 -33.85 -8.81 13.88
N GLY A 112 -32.89 -9.68 13.60
CA GLY A 112 -31.58 -9.62 14.22
C GLY A 112 -30.48 -10.08 13.29
N TYR A 113 -29.24 -9.76 13.64
CA TYR A 113 -28.09 -10.09 12.81
C TYR A 113 -26.84 -9.95 13.66
N ARG A 114 -25.92 -10.89 13.50
CA ARG A 114 -24.70 -10.91 14.28
C ARG A 114 -23.62 -11.30 13.30
N GLN A 115 -22.80 -10.35 12.87
CA GLN A 115 -21.80 -10.63 11.85
C GLN A 115 -20.46 -9.99 12.15
N SER A 116 -19.40 -10.60 11.64
CA SER A 116 -18.06 -10.18 11.99
C SER A 116 -17.15 -10.13 10.77
N ALA A 117 -16.17 -9.23 10.81
CA ALA A 117 -15.22 -9.12 9.73
C ALA A 117 -13.81 -9.13 10.25
N TYR A 118 -12.88 -9.50 9.38
CA TYR A 118 -11.46 -9.42 9.68
C TYR A 118 -10.76 -8.67 8.55
N ASP A 119 -9.99 -7.66 8.91
CA ASP A 119 -9.35 -6.79 7.93
C ASP A 119 -10.34 -6.31 6.86
N GLY A 120 -11.55 -5.97 7.30
CA GLY A 120 -12.53 -5.37 6.43
C GLY A 120 -13.29 -6.34 5.55
N ARG A 121 -13.10 -7.64 5.78
CA ARG A 121 -13.75 -8.64 4.98
C ARG A 121 -14.53 -9.63 5.84
N ASP A 122 -15.62 -10.16 5.30
CA ASP A 122 -16.43 -11.09 6.07
C ASP A 122 -15.56 -12.21 6.67
N PHE A 123 -15.74 -12.47 7.95
CA PHE A 123 -15.02 -13.53 8.63
C PHE A 123 -16.00 -14.62 9.04
N ILE A 124 -16.99 -14.26 9.85
CA ILE A 124 -18.01 -15.20 10.29
C ILE A 124 -19.29 -14.45 10.66
N ALA A 125 -20.42 -15.16 10.63
CA ALA A 125 -21.71 -14.56 11.00
C ALA A 125 -22.72 -15.61 11.43
N LEU A 126 -23.62 -15.22 12.31
CA LEU A 126 -24.75 -16.05 12.69
C LEU A 126 -25.70 -16.06 11.52
N ASP A 127 -26.21 -17.22 11.12
CA ASP A 127 -27.12 -17.20 9.98
C ASP A 127 -28.56 -16.92 10.36
N LYS A 128 -29.38 -16.70 9.33
CA LYS A 128 -30.73 -16.20 9.49
C LYS A 128 -31.56 -16.94 10.54
N ASP A 129 -31.41 -18.25 10.62
CA ASP A 129 -32.24 -19.01 11.57
C ASP A 129 -31.66 -18.98 12.98
N MET A 130 -30.46 -18.44 13.12
CA MET A 130 -29.81 -18.28 14.42
C MET A 130 -29.53 -19.61 15.12
N LYS A 131 -29.33 -20.66 14.33
CA LYS A 131 -29.04 -21.98 14.86
C LYS A 131 -27.57 -22.34 14.65
N THR A 132 -26.93 -21.66 13.70
CA THR A 132 -25.55 -21.96 13.36
C THR A 132 -24.79 -20.71 12.93
N PHE A 133 -23.47 -20.84 12.83
CA PHE A 133 -22.63 -19.79 12.27
C PHE A 133 -22.11 -20.26 10.93
N THR A 134 -21.94 -19.33 10.00
CA THR A 134 -21.35 -19.67 8.71
C THR A 134 -20.05 -18.91 8.52
N ALA A 135 -18.94 -19.65 8.49
CA ALA A 135 -17.64 -19.05 8.22
C ALA A 135 -17.58 -18.52 6.79
N ALA A 136 -17.09 -17.30 6.63
CA ALA A 136 -16.96 -16.69 5.31
C ALA A 136 -15.60 -17.02 4.73
N VAL A 137 -14.68 -17.42 5.60
CA VAL A 137 -13.33 -17.79 5.21
C VAL A 137 -12.91 -19.03 5.98
N PRO A 138 -12.05 -19.87 5.37
CA PRO A 138 -11.53 -21.08 5.97
C PRO A 138 -10.90 -20.80 7.34
N GLU A 139 -10.32 -19.62 7.50
CA GLU A 139 -9.69 -19.23 8.76
C GLU A 139 -10.71 -19.13 9.89
N ALA A 140 -11.99 -19.08 9.56
CA ALA A 140 -13.03 -18.92 10.57
C ALA A 140 -13.69 -20.26 10.91
N VAL A 141 -13.31 -21.31 10.20
CA VAL A 141 -13.91 -22.63 10.39
C VAL A 141 -13.78 -23.21 11.81
N PRO A 142 -12.56 -23.15 12.39
CA PRO A 142 -12.42 -23.62 13.78
C PRO A 142 -13.27 -22.82 14.77
N THR A 143 -13.53 -21.56 14.44
CA THR A 143 -14.39 -20.72 15.26
C THR A 143 -15.84 -21.19 15.17
N LYS A 144 -16.31 -21.46 13.96
CA LYS A 144 -17.64 -22.06 13.78
C LYS A 144 -17.78 -23.32 14.64
N ARG A 145 -16.79 -24.19 14.56
CA ARG A 145 -16.84 -25.47 15.26
C ARG A 145 -16.90 -25.29 16.77
N LYS A 146 -16.05 -24.40 17.28
CA LYS A 146 -15.96 -24.13 18.71
C LYS A 146 -17.27 -23.56 19.24
N TRP A 147 -17.74 -22.50 18.62
CA TRP A 147 -18.95 -21.81 19.08
C TRP A 147 -20.17 -22.73 19.10
N GLU A 148 -20.32 -23.54 18.05
CA GLU A 148 -21.48 -24.42 17.96
C GLU A 148 -21.42 -25.52 19.02
N GLU A 149 -20.20 -25.91 19.38
CA GLU A 149 -20.00 -26.85 20.47
C GLU A 149 -20.32 -26.20 21.82
N GLU A 150 -20.13 -24.89 21.90
CA GLU A 150 -20.36 -24.12 23.12
C GLU A 150 -21.78 -23.55 23.22
N SER A 151 -22.63 -23.87 22.25
CA SER A 151 -23.98 -23.31 22.22
C SER A 151 -24.00 -21.78 22.12
N GLU A 152 -23.05 -21.22 21.38
CA GLU A 152 -23.05 -19.78 21.12
C GLU A 152 -24.29 -19.32 20.36
N PRO A 153 -24.71 -20.09 19.32
CA PRO A 153 -25.85 -19.63 18.54
C PRO A 153 -27.07 -19.36 19.43
N GLU A 154 -27.40 -20.32 20.30
CA GLU A 154 -28.52 -20.17 21.20
C GLU A 154 -28.39 -18.91 22.04
N ARG A 155 -27.19 -18.68 22.55
CA ARG A 155 -26.91 -17.51 23.36
C ARG A 155 -27.15 -16.19 22.60
N TRP A 156 -26.83 -16.19 21.30
CA TRP A 156 -27.05 -15.00 20.48
C TRP A 156 -28.48 -14.87 19.96
N LYS A 157 -29.17 -16.00 19.85
CA LYS A 157 -30.60 -15.99 19.56
C LYS A 157 -31.36 -15.27 20.67
N ASN A 158 -31.02 -15.57 21.92
CA ASN A 158 -31.66 -14.94 23.06
C ASN A 158 -31.35 -13.45 23.12
N TYR A 159 -30.08 -13.09 22.94
CA TYR A 159 -29.73 -11.67 23.00
C TYR A 159 -30.48 -10.88 21.95
N LEU A 160 -30.48 -11.39 20.72
CA LEU A 160 -31.04 -10.64 19.60
C LEU A 160 -32.55 -10.54 19.67
N GLU A 161 -33.19 -11.65 20.05
CA GLU A 161 -34.64 -11.74 20.00
C GLU A 161 -35.34 -11.25 21.27
N GLU A 162 -34.62 -11.19 22.38
CA GLU A 162 -35.24 -10.79 23.64
C GLU A 162 -34.55 -9.58 24.27
N THR A 163 -33.29 -9.76 24.68
CA THR A 163 -32.52 -8.68 25.28
C THR A 163 -32.47 -7.44 24.40
N CYS A 164 -31.97 -7.60 23.18
CA CYS A 164 -31.83 -6.47 22.24
C CYS A 164 -33.15 -5.76 22.02
N VAL A 165 -34.20 -6.52 21.71
CA VAL A 165 -35.52 -5.97 21.45
C VAL A 165 -36.11 -5.26 22.68
N GLU A 166 -36.02 -5.90 23.83
CA GLU A 166 -36.63 -5.33 25.03
C GLU A 166 -36.00 -3.99 25.37
N TRP A 167 -34.68 -3.92 25.30
CA TRP A 167 -33.99 -2.68 25.54
C TRP A 167 -34.26 -1.63 24.45
N LEU A 168 -34.38 -2.07 23.20
CA LEU A 168 -34.74 -1.16 22.12
C LEU A 168 -36.10 -0.50 22.37
N ARG A 169 -37.03 -1.25 22.96
CA ARG A 169 -38.34 -0.70 23.31
C ARG A 169 -38.21 0.40 24.35
N ARG A 170 -37.35 0.18 25.32
CA ARG A 170 -37.08 1.18 26.35
C ARG A 170 -36.44 2.43 25.75
N TYR A 171 -35.50 2.23 24.82
CA TYR A 171 -34.77 3.35 24.23
C TYR A 171 -35.67 4.25 23.39
N VAL A 172 -36.53 3.64 22.59
CA VAL A 172 -37.40 4.37 21.67
C VAL A 172 -38.40 5.19 22.46
N GLU A 173 -38.82 4.62 23.59
CA GLU A 173 -39.72 5.29 24.51
C GLU A 173 -39.03 6.46 25.22
N TYR A 174 -37.76 6.29 25.59
CA TYR A 174 -37.00 7.35 26.21
C TYR A 174 -36.83 8.55 25.28
N GLY A 175 -36.37 8.28 24.05
CA GLY A 175 -36.01 9.32 23.12
C GLY A 175 -37.04 9.57 22.03
N LYS A 176 -38.27 9.15 22.31
CA LYS A 176 -39.39 9.34 21.39
C LYS A 176 -39.39 10.75 20.79
N ALA A 177 -39.38 11.76 21.65
CA ALA A 177 -39.43 13.15 21.23
C ALA A 177 -38.27 13.53 20.31
N GLU A 178 -37.05 13.21 20.75
CA GLU A 178 -35.85 13.48 19.96
C GLU A 178 -35.83 12.74 18.62
N LEU A 179 -36.16 11.45 18.64
CA LEU A 179 -36.12 10.64 17.43
C LEU A 179 -37.25 11.00 16.49
N GLY A 180 -38.34 11.55 17.04
CA GLY A 180 -39.50 11.88 16.24
C GLY A 180 -39.56 13.32 15.77
N ARG A 181 -38.49 14.07 16.05
CA ARG A 181 -38.46 15.49 15.74
C ARG A 181 -38.21 15.72 14.24
N ARG A 182 -38.42 16.97 13.82
CA ARG A 182 -38.11 17.36 12.45
C ARG A 182 -37.28 18.63 12.50
N GLU A 183 -36.25 18.67 11.66
CA GLU A 183 -35.44 19.88 11.53
C GLU A 183 -35.35 20.25 10.06
N ARG A 184 -35.64 21.51 9.77
CA ARG A 184 -35.69 21.98 8.40
C ARG A 184 -34.31 22.32 7.87
N PRO A 185 -33.99 21.82 6.68
CA PRO A 185 -32.75 22.18 5.99
C PRO A 185 -32.83 23.60 5.45
N GLU A 186 -31.72 24.32 5.52
CA GLU A 186 -31.56 25.52 4.72
C GLU A 186 -30.89 25.09 3.43
N VAL A 187 -31.40 25.58 2.30
CA VAL A 187 -30.90 25.18 0.99
C VAL A 187 -30.19 26.34 0.31
N ARG A 188 -29.09 26.03 -0.37
CA ARG A 188 -28.38 27.03 -1.15
C ARG A 188 -27.99 26.47 -2.49
N VAL A 189 -28.23 27.24 -3.55
CA VAL A 189 -27.79 26.85 -4.89
C VAL A 189 -26.66 27.78 -5.33
N TRP A 190 -25.68 27.23 -6.05
CA TRP A 190 -24.44 27.92 -6.33
C TRP A 190 -23.76 27.34 -7.57
N GLY A 191 -23.16 28.19 -8.40
CA GLY A 191 -22.52 27.72 -9.62
C GLY A 191 -21.27 28.46 -10.06
N LYS A 192 -20.13 28.08 -9.49
CA LYS A 192 -18.83 28.56 -9.97
C LYS A 192 -18.47 27.67 -11.15
N GLU A 193 -17.55 28.11 -12.00
CA GLU A 193 -17.26 27.33 -13.16
C GLU A 193 -15.83 27.42 -13.60
N ALA A 194 -15.61 27.05 -14.83
CA ALA A 194 -14.32 27.21 -15.38
C ALA A 194 -14.15 26.12 -16.37
N ASP A 195 -13.12 26.20 -17.20
CA ASP A 195 -12.89 25.07 -18.07
C ASP A 195 -14.21 24.98 -18.80
N GLY A 196 -14.96 26.06 -18.73
CA GLY A 196 -16.10 26.32 -19.58
C GLY A 196 -17.42 25.60 -19.30
N ILE A 197 -17.57 25.11 -18.10
CA ILE A 197 -18.73 24.28 -17.84
C ILE A 197 -19.38 24.90 -16.65
N LEU A 198 -20.69 25.16 -16.67
CA LEU A 198 -21.25 25.72 -15.44
C LEU A 198 -21.65 24.60 -14.51
N THR A 199 -20.95 24.49 -13.38
CA THR A 199 -21.29 23.50 -12.37
C THR A 199 -22.26 24.08 -11.37
N LEU A 200 -23.50 23.63 -11.41
CA LEU A 200 -24.52 24.06 -10.44
C LEU A 200 -24.56 23.10 -9.28
N SER A 201 -24.56 23.64 -8.06
CA SER A 201 -24.66 22.81 -6.87
C SER A 201 -25.84 23.23 -6.01
N CYS A 202 -26.50 22.24 -5.43
CA CYS A 202 -27.61 22.48 -4.53
C CYS A 202 -27.35 21.71 -3.24
N ARG A 203 -27.35 22.41 -2.12
CA ARG A 203 -27.05 21.78 -0.83
C ARG A 203 -28.15 21.99 0.20
N ALA A 204 -28.57 20.90 0.83
CA ALA A 204 -29.48 20.97 1.98
C ALA A 204 -28.65 20.85 3.27
N HIS A 205 -28.80 21.84 4.16
CA HIS A 205 -28.04 21.88 5.40
C HIS A 205 -28.92 21.60 6.63
N GLY A 206 -28.54 20.58 7.39
CA GLY A 206 -29.15 20.32 8.68
C GLY A 206 -30.56 19.77 8.67
N PHE A 207 -30.84 18.82 7.78
CA PHE A 207 -32.16 18.18 7.75
C PHE A 207 -32.26 16.94 8.65
N TYR A 208 -33.47 16.65 9.10
CA TYR A 208 -33.76 15.48 9.91
C TYR A 208 -35.27 15.24 9.94
N PRO A 209 -35.70 13.98 9.72
CA PRO A 209 -34.87 12.77 9.65
C PRO A 209 -34.00 12.68 8.40
N ARG A 210 -33.40 11.51 8.24
CA ARG A 210 -32.44 11.24 7.18
C ARG A 210 -32.99 11.34 5.75
N PRO A 211 -34.13 10.70 5.46
CA PRO A 211 -34.62 10.63 4.09
C PRO A 211 -34.88 12.00 3.45
N ILE A 212 -34.53 12.14 2.18
CA ILE A 212 -34.69 13.39 1.46
C ILE A 212 -34.55 13.18 -0.04
N VAL A 213 -35.08 14.13 -0.79
CA VAL A 213 -34.93 14.14 -2.25
C VAL A 213 -34.46 15.52 -2.69
N VAL A 214 -33.34 15.54 -3.39
CA VAL A 214 -32.78 16.77 -3.93
C VAL A 214 -32.49 16.53 -5.41
N SER A 215 -33.23 17.21 -6.27
CA SER A 215 -33.16 16.97 -7.70
C SER A 215 -32.91 18.23 -8.51
N TRP A 216 -32.37 18.08 -9.71
CA TRP A 216 -32.17 19.20 -10.62
C TRP A 216 -33.21 19.15 -11.74
N LEU A 217 -33.81 20.29 -12.04
CA LEU A 217 -34.76 20.36 -13.15
C LEU A 217 -34.21 21.23 -14.28
N LYS A 218 -34.41 20.79 -15.50
CA LYS A 218 -33.91 21.54 -16.57
C LYS A 218 -34.94 22.32 -17.30
N ASP A 219 -35.85 21.73 -17.98
CA ASP A 219 -36.73 22.77 -18.51
C ASP A 219 -38.01 22.55 -17.86
N GLY A 220 -37.93 22.57 -16.57
CA GLY A 220 -38.88 21.92 -15.74
C GLY A 220 -38.76 20.42 -15.77
N ALA A 221 -37.79 19.77 -16.38
CA ALA A 221 -37.97 18.32 -16.34
C ALA A 221 -36.76 17.92 -15.51
N VAL A 222 -36.94 16.90 -14.66
CA VAL A 222 -35.88 16.45 -13.77
C VAL A 222 -34.71 15.86 -14.53
N ARG A 223 -33.52 16.37 -14.28
CA ARG A 223 -32.34 15.95 -14.98
C ARG A 223 -31.55 15.08 -14.05
N GLY A 224 -31.97 13.84 -13.97
CA GLY A 224 -31.36 12.91 -13.07
C GLY A 224 -30.15 12.19 -13.60
N GLN A 225 -30.33 11.52 -14.72
CA GLN A 225 -29.28 10.70 -15.33
C GLN A 225 -27.94 11.33 -15.21
N ASP A 226 -27.90 12.62 -14.96
CA ASP A 226 -26.62 13.31 -15.07
C ASP A 226 -26.42 14.32 -14.00
N ALA A 227 -27.22 14.23 -12.97
CA ALA A 227 -26.81 14.98 -11.80
C ALA A 227 -25.99 14.07 -10.90
N HIS A 228 -25.13 14.64 -10.08
CA HIS A 228 -24.23 13.84 -9.25
C HIS A 228 -24.40 14.19 -7.77
N SER A 229 -24.63 13.17 -6.95
CA SER A 229 -24.89 13.37 -5.53
C SER A 229 -23.75 12.87 -4.64
N GLY A 230 -23.52 13.59 -3.54
CA GLY A 230 -22.54 13.18 -2.55
C GLY A 230 -23.19 12.26 -1.54
N GLY A 231 -24.47 11.97 -1.75
CA GLY A 231 -25.22 11.13 -0.85
C GLY A 231 -25.54 11.85 0.45
N ILE A 232 -25.98 11.10 1.45
CA ILE A 232 -26.30 11.68 2.73
C ILE A 232 -25.12 11.60 3.70
N VAL A 233 -24.63 12.75 4.12
CA VAL A 233 -23.50 12.81 5.06
C VAL A 233 -23.93 13.55 6.31
N PRO A 234 -23.37 13.19 7.47
CA PRO A 234 -23.86 13.73 8.73
C PRO A 234 -23.19 15.02 9.17
N ASN A 235 -23.95 15.86 9.86
CA ASN A 235 -23.40 16.99 10.57
C ASN A 235 -23.01 16.53 11.95
N GLY A 236 -22.48 17.44 12.77
CA GLY A 236 -22.04 17.07 14.10
C GLY A 236 -23.11 17.14 15.17
N ASP A 237 -24.35 17.43 14.78
CA ASP A 237 -25.40 17.70 15.75
C ASP A 237 -26.64 16.83 15.59
N GLY A 238 -26.52 15.72 14.88
CA GLY A 238 -27.65 14.84 14.67
C GLY A 238 -28.53 15.28 13.52
N THR A 239 -27.99 16.13 12.65
CA THR A 239 -28.66 16.49 11.41
C THR A 239 -27.81 16.03 10.23
N TYR A 240 -28.37 16.10 9.03
CA TYR A 240 -27.67 15.61 7.85
C TYR A 240 -27.46 16.66 6.77
N HIS A 241 -26.65 16.29 5.78
CA HIS A 241 -26.30 17.18 4.69
C HIS A 241 -26.26 16.38 3.40
N THR A 242 -26.71 16.98 2.32
CA THR A 242 -26.55 16.39 1.00
C THR A 242 -26.21 17.48 -0.01
N TRP A 243 -25.61 17.05 -1.10
CA TRP A 243 -25.05 17.99 -2.05
C TRP A 243 -25.12 17.39 -3.45
N VAL A 244 -25.96 17.96 -4.30
CA VAL A 244 -26.14 17.47 -5.66
C VAL A 244 -25.71 18.50 -6.70
N THR A 245 -24.91 18.07 -7.66
CA THR A 245 -24.39 18.94 -8.70
C THR A 245 -24.87 18.56 -10.10
N ILE A 246 -24.73 19.49 -11.03
CA ILE A 246 -25.05 19.26 -12.43
C ILE A 246 -24.30 20.27 -13.29
N GLU A 247 -23.72 19.80 -14.38
CA GLU A 247 -23.03 20.71 -15.29
C GLU A 247 -23.98 21.16 -16.38
N ALA A 248 -23.93 22.45 -16.68
CA ALA A 248 -24.75 23.01 -17.74
C ALA A 248 -23.88 23.83 -18.68
N GLN A 249 -24.51 24.39 -19.71
CA GLN A 249 -23.83 25.33 -20.57
C GLN A 249 -23.72 26.57 -19.71
N PRO A 250 -22.69 27.40 -19.94
CA PRO A 250 -22.51 28.66 -19.20
C PRO A 250 -23.42 29.63 -19.94
N GLY A 251 -24.59 29.90 -19.36
CA GLY A 251 -25.61 30.69 -20.03
C GLY A 251 -26.96 30.02 -19.90
N ASP A 252 -26.96 28.69 -19.99
CA ASP A 252 -28.18 27.91 -19.77
C ASP A 252 -28.52 27.84 -18.29
N GLY A 253 -27.65 28.42 -17.47
CA GLY A 253 -27.84 28.43 -16.02
C GLY A 253 -29.26 28.73 -15.60
N ASP A 254 -29.87 29.74 -16.22
CA ASP A 254 -31.20 30.20 -15.84
C ASP A 254 -32.30 29.18 -16.09
N LYS A 255 -31.96 28.10 -16.79
CA LYS A 255 -32.93 27.07 -17.11
C LYS A 255 -33.04 26.00 -16.03
N TYR A 256 -32.07 25.97 -15.14
CA TYR A 256 -32.01 24.92 -14.10
C TYR A 256 -32.64 25.35 -12.79
N GLN A 257 -33.23 24.38 -12.10
CA GLN A 257 -33.83 24.59 -10.79
C GLN A 257 -33.55 23.39 -9.91
N CYS A 258 -33.16 23.64 -8.68
CA CYS A 258 -33.06 22.58 -7.70
C CYS A 258 -34.34 22.49 -6.88
N ARG A 259 -34.85 21.27 -6.72
CA ARG A 259 -36.02 21.04 -5.90
C ARG A 259 -35.71 20.14 -4.70
N VAL A 260 -36.11 20.57 -3.51
CA VAL A 260 -35.86 19.82 -2.29
C VAL A 260 -37.17 19.40 -1.63
N GLU A 261 -37.31 18.09 -1.38
CA GLU A 261 -38.49 17.56 -0.72
C GLU A 261 -38.07 16.99 0.62
N HIS A 262 -38.74 17.42 1.68
CA HIS A 262 -38.42 16.93 3.01
C HIS A 262 -39.61 17.05 3.95
N ALA A 263 -39.68 16.14 4.91
CA ALA A 263 -40.81 16.07 5.83
C ALA A 263 -40.98 17.33 6.68
N SER A 264 -39.89 18.09 6.83
CA SER A 264 -39.95 19.28 7.67
C SER A 264 -40.55 20.49 6.93
N LEU A 265 -40.58 20.41 5.61
CA LEU A 265 -40.94 21.56 4.77
C LEU A 265 -42.44 21.80 4.65
N PRO A 266 -42.85 23.07 4.69
CA PRO A 266 -44.25 23.44 4.43
C PRO A 266 -44.64 23.04 3.01
N GLN A 267 -43.74 23.30 2.07
CA GLN A 267 -43.88 22.86 0.68
C GLN A 267 -42.52 22.51 0.14
N PRO A 268 -42.48 21.73 -0.94
CA PRO A 268 -41.17 21.43 -1.53
C PRO A 268 -40.45 22.73 -1.89
N GLY A 269 -39.16 22.80 -1.59
CA GLY A 269 -38.36 23.95 -1.99
C GLY A 269 -38.06 23.89 -3.47
N LEU A 270 -38.12 25.04 -4.14
CA LEU A 270 -37.78 25.13 -5.55
C LEU A 270 -36.95 26.38 -5.76
N TYR A 271 -35.72 26.21 -6.25
CA TYR A 271 -34.76 27.30 -6.26
C TYR A 271 -33.95 27.37 -7.54
N SER A 272 -33.76 28.58 -8.03
CA SER A 272 -32.94 28.84 -9.22
C SER A 272 -31.53 29.27 -8.83
N TRP A 273 -30.64 29.30 -9.80
CA TRP A 273 -29.30 29.83 -9.58
C TRP A 273 -29.25 31.34 -9.83
N LYS A 274 -28.68 32.06 -8.88
CA LYS A 274 -28.48 33.52 -8.97
C LYS A 274 -29.70 34.29 -8.49
N ASP B 4 -11.72 -0.51 -4.30
CA ASP B 4 -11.11 0.79 -4.04
C ASP B 4 -11.36 1.24 -2.61
N LEU B 5 -10.30 1.27 -1.82
CA LEU B 5 -10.43 1.55 -0.39
C LEU B 5 -9.76 2.86 0.02
N THR B 6 -9.71 3.80 -0.91
CA THR B 6 -9.22 5.12 -0.58
C THR B 6 -10.35 5.90 0.09
N PRO B 7 -9.99 6.89 0.91
CA PRO B 7 -10.96 7.77 1.56
C PRO B 7 -11.78 8.56 0.55
N LYS B 8 -13.11 8.56 0.69
CA LYS B 8 -13.97 9.44 -0.09
C LYS B 8 -14.39 10.61 0.78
N VAL B 9 -13.88 11.79 0.43
CA VAL B 9 -13.96 12.95 1.31
C VAL B 9 -14.92 14.04 0.81
N GLN B 10 -15.64 14.65 1.74
CA GLN B 10 -16.42 15.85 1.42
C GLN B 10 -16.21 16.90 2.48
N VAL B 11 -16.10 18.15 2.05
CA VAL B 11 -15.98 19.27 2.97
C VAL B 11 -17.21 20.15 2.84
N TYR B 12 -17.86 20.44 3.97
CA TYR B 12 -19.10 21.19 3.95
C TYR B 12 -19.34 21.83 5.30
N SER B 13 -20.08 22.94 5.30
CA SER B 13 -20.38 23.66 6.52
C SER B 13 -21.77 23.27 7.06
N ARG B 14 -21.94 23.37 8.38
CA ARG B 14 -23.20 23.04 9.01
C ARG B 14 -24.35 23.87 8.43
N PHE B 15 -24.14 25.18 8.34
CA PHE B 15 -25.11 26.07 7.75
C PHE B 15 -24.57 26.63 6.44
N PRO B 16 -25.47 26.93 5.48
CA PRO B 16 -24.97 27.63 4.29
C PRO B 16 -24.16 28.83 4.79
N ALA B 17 -22.97 29.02 4.24
CA ALA B 17 -22.01 29.99 4.80
C ALA B 17 -22.42 31.43 4.50
N SER B 18 -22.08 32.33 5.44
CA SER B 18 -22.43 33.74 5.32
C SER B 18 -21.29 34.61 5.83
N ALA B 19 -21.21 35.83 5.30
CA ALA B 19 -20.21 36.80 5.74
C ALA B 19 -20.38 37.12 7.22
N GLY B 20 -19.31 36.87 7.99
CA GLY B 20 -19.28 37.20 9.40
C GLY B 20 -20.23 36.41 10.29
N THR B 21 -20.58 35.21 9.86
CA THR B 21 -21.54 34.40 10.60
C THR B 21 -20.92 33.10 11.14
N LYS B 22 -21.11 32.86 12.44
CA LYS B 22 -20.60 31.64 13.08
C LYS B 22 -21.16 30.40 12.40
N ASN B 23 -20.35 29.35 12.36
CA ASN B 23 -20.66 28.15 11.61
C ASN B 23 -19.81 26.97 12.13
N VAL B 24 -19.93 25.83 11.48
CA VAL B 24 -19.08 24.68 11.79
C VAL B 24 -18.56 24.10 10.48
N LEU B 25 -17.25 23.85 10.41
CA LEU B 25 -16.68 23.24 9.22
C LEU B 25 -16.60 21.73 9.40
N ASN B 26 -17.13 20.99 8.44
CA ASN B 26 -17.12 19.53 8.52
C ASN B 26 -16.20 18.92 7.47
N CYS B 27 -15.58 17.81 7.84
CA CYS B 27 -14.91 16.96 6.86
C CYS B 27 -15.33 15.52 7.11
N PHE B 28 -15.93 14.91 6.10
CA PHE B 28 -16.38 13.54 6.20
C PHE B 28 -15.59 12.62 5.26
N ALA B 29 -14.94 11.62 5.83
CA ALA B 29 -14.20 10.64 5.04
C ALA B 29 -14.91 9.29 5.15
N ALA B 30 -15.07 8.60 4.03
CA ALA B 30 -15.81 7.33 4.02
C ALA B 30 -15.24 6.32 3.03
N GLY B 31 -15.66 5.07 3.19
CA GLY B 31 -15.29 4.00 2.28
C GLY B 31 -13.87 3.49 2.38
N PHE B 32 -13.18 3.80 3.49
CA PHE B 32 -11.77 3.43 3.61
C PHE B 32 -11.44 2.24 4.51
N HIS B 33 -10.23 1.73 4.34
CA HIS B 33 -9.64 0.70 5.20
C HIS B 33 -8.14 0.65 4.94
N PRO B 34 -7.32 0.53 6.00
CA PRO B 34 -7.68 0.37 7.41
C PRO B 34 -8.29 1.62 8.01
N PRO B 35 -8.79 1.50 9.26
CA PRO B 35 -9.44 2.60 9.97
C PRO B 35 -8.48 3.74 10.27
N LYS B 36 -7.21 3.44 10.52
CA LYS B 36 -6.25 4.50 10.79
C LYS B 36 -6.33 5.55 9.68
N ILE B 37 -6.52 6.81 10.07
CA ILE B 37 -6.59 7.88 9.10
C ILE B 37 -6.23 9.20 9.74
N SER B 38 -5.71 10.12 8.93
CA SER B 38 -5.34 11.44 9.41
C SER B 38 -6.19 12.49 8.70
N ILE B 39 -6.99 13.21 9.47
CA ILE B 39 -7.92 14.19 8.91
C ILE B 39 -7.79 15.52 9.64
N THR B 40 -7.21 16.50 8.97
CA THR B 40 -6.97 17.80 9.60
C THR B 40 -7.71 18.92 8.88
N LEU B 41 -8.52 19.66 9.63
CA LEU B 41 -9.19 20.84 9.11
C LEU B 41 -8.20 21.99 9.07
N MET B 42 -8.18 22.72 7.97
CA MET B 42 -7.15 23.72 7.77
C MET B 42 -7.64 25.09 7.31
N LYS B 43 -7.03 26.12 7.89
CA LYS B 43 -7.30 27.50 7.51
C LYS B 43 -6.02 28.09 6.93
N ASP B 44 -6.01 28.30 5.61
CA ASP B 44 -4.85 28.86 4.91
C ASP B 44 -3.57 28.03 5.09
N GLY B 45 -3.68 26.72 4.91
CA GLY B 45 -2.53 25.83 4.97
C GLY B 45 -2.07 25.49 6.38
N VAL B 46 -2.86 25.91 7.37
CA VAL B 46 -2.53 25.72 8.78
C VAL B 46 -3.76 25.14 9.50
N PRO B 47 -3.54 24.30 10.52
CA PRO B 47 -4.68 23.69 11.22
C PRO B 47 -5.54 24.72 11.96
N MET B 48 -6.85 24.46 12.07
CA MET B 48 -7.73 25.32 12.85
C MET B 48 -7.68 24.98 14.34
N GLU B 49 -8.59 25.54 15.13
CA GLU B 49 -8.60 25.30 16.58
C GLU B 49 -9.88 24.69 17.15
N GLY B 50 -9.77 23.51 17.75
CA GLY B 50 -10.87 22.89 18.48
C GLY B 50 -11.62 21.77 17.77
N ALA B 51 -10.90 20.87 17.12
CA ALA B 51 -11.51 19.88 16.23
C ALA B 51 -12.06 18.63 16.94
N GLN B 52 -13.32 18.32 16.65
CA GLN B 52 -13.98 17.12 17.19
C GLN B 52 -13.89 15.98 16.20
N TYR B 53 -13.58 14.78 16.68
CA TYR B 53 -13.57 13.61 15.81
C TYR B 53 -14.54 12.54 16.30
N SER B 54 -15.42 12.11 15.42
CA SER B 54 -16.27 10.96 15.65
C SER B 54 -16.36 10.19 14.34
N ASP B 55 -16.73 8.92 14.43
CA ASP B 55 -17.12 8.34 15.71
C ASP B 55 -16.04 7.44 16.30
N MET B 56 -15.45 6.59 15.46
CA MET B 56 -15.85 6.48 14.06
C MET B 56 -17.00 5.49 13.95
N SER B 57 -17.26 5.04 12.74
CA SER B 57 -18.21 3.97 12.55
C SER B 57 -17.88 3.28 11.23
N PHE B 58 -18.66 2.29 10.85
CA PHE B 58 -18.50 1.70 9.54
C PHE B 58 -19.84 1.30 8.93
N ASN B 59 -19.86 1.11 7.62
CA ASN B 59 -21.06 0.68 6.93
C ASN B 59 -21.22 -0.83 7.01
N ASP B 60 -22.32 -1.31 6.48
CA ASP B 60 -22.58 -2.74 6.39
C ASP B 60 -21.48 -3.45 5.60
N ASP B 61 -20.88 -2.74 4.64
CA ASP B 61 -19.82 -3.32 3.84
C ASP B 61 -18.49 -3.30 4.58
N TRP B 62 -18.52 -2.83 5.83
CA TRP B 62 -17.37 -2.83 6.75
C TRP B 62 -16.37 -1.70 6.51
N THR B 63 -16.71 -0.78 5.61
CA THR B 63 -15.75 0.29 5.29
C THR B 63 -15.96 1.37 6.35
N PHE B 64 -14.87 1.95 6.82
CA PHE B 64 -14.93 2.96 7.87
C PHE B 64 -15.32 4.34 7.37
N GLN B 65 -15.81 5.16 8.29
CA GLN B 65 -16.19 6.53 8.03
C GLN B 65 -15.80 7.36 9.24
N ARG B 66 -15.45 8.62 9.01
CA ARG B 66 -15.04 9.49 10.10
C ARG B 66 -15.41 10.93 9.81
N LEU B 67 -15.95 11.60 10.83
CA LEU B 67 -16.36 12.99 10.73
C LEU B 67 -15.54 13.87 11.66
N VAL B 68 -14.98 14.92 11.10
CA VAL B 68 -14.28 15.93 11.88
C VAL B 68 -15.05 17.23 11.70
N HIS B 69 -15.32 17.92 12.80
CA HIS B 69 -16.01 19.20 12.73
C HIS B 69 -15.45 20.17 13.76
N ALA B 70 -15.46 21.45 13.42
CA ALA B 70 -14.91 22.46 14.30
C ALA B 70 -15.68 23.76 14.17
N ASP B 71 -16.03 24.35 15.31
CA ASP B 71 -16.64 25.67 15.32
C ASP B 71 -15.72 26.65 14.59
N PHE B 72 -16.30 27.60 13.87
CA PHE B 72 -15.51 28.60 13.16
C PHE B 72 -16.37 29.67 12.52
N THR B 73 -15.72 30.78 12.17
CA THR B 73 -16.35 31.83 11.39
C THR B 73 -15.50 32.03 10.14
N PRO B 74 -16.11 31.86 8.96
CA PRO B 74 -15.37 32.00 7.70
C PRO B 74 -14.80 33.41 7.58
N SER B 75 -13.49 33.53 7.47
CA SER B 75 -12.85 34.85 7.34
C SER B 75 -12.72 35.25 5.87
N SER B 76 -12.97 36.52 5.56
CA SER B 76 -12.83 36.99 4.19
C SER B 76 -11.37 36.86 3.75
N GLY B 77 -11.18 36.33 2.55
CA GLY B 77 -9.85 36.13 2.01
C GLY B 77 -9.15 34.84 2.42
N SER B 78 -9.80 34.03 3.25
CA SER B 78 -9.18 32.79 3.73
C SER B 78 -9.58 31.56 2.90
N THR B 79 -8.66 30.61 2.81
CA THR B 79 -8.93 29.34 2.16
C THR B 79 -9.02 28.24 3.21
N TYR B 80 -10.11 27.50 3.18
CA TYR B 80 -10.29 26.40 4.11
C TYR B 80 -10.23 25.09 3.35
N ALA B 81 -9.74 24.06 4.00
CA ALA B 81 -9.55 22.79 3.32
C ALA B 81 -9.39 21.67 4.33
N CYS B 82 -9.57 20.45 3.85
CA CYS B 82 -9.43 19.27 4.70
C CYS B 82 -8.27 18.43 4.18
N LYS B 83 -7.26 18.25 5.01
CA LYS B 83 -6.08 17.50 4.63
C LYS B 83 -6.20 16.08 5.15
N VAL B 84 -6.20 15.12 4.23
CA VAL B 84 -6.37 13.72 4.56
C VAL B 84 -5.13 12.91 4.22
N GLU B 85 -4.69 12.10 5.18
CA GLU B 85 -3.61 11.16 4.95
C GLU B 85 -4.07 9.77 5.32
N HIS B 86 -3.85 8.82 4.42
CA HIS B 86 -4.28 7.45 4.60
C HIS B 86 -3.34 6.56 3.80
N GLU B 87 -3.09 5.36 4.30
CA GLU B 87 -2.05 4.51 3.73
C GLU B 87 -2.38 3.97 2.34
N THR B 88 -3.62 4.13 1.90
CA THR B 88 -4.01 3.72 0.54
C THR B 88 -3.72 4.81 -0.49
N LEU B 89 -3.10 5.91 -0.05
CA LEU B 89 -2.76 7.00 -0.95
C LEU B 89 -1.26 7.25 -0.88
N LYS B 90 -0.68 7.65 -2.01
CA LYS B 90 0.76 7.92 -2.04
C LYS B 90 1.11 9.18 -1.27
N GLU B 91 0.29 10.22 -1.42
CA GLU B 91 0.55 11.51 -0.80
C GLU B 91 -0.70 12.13 -0.20
N PRO B 92 -0.54 13.00 0.82
CA PRO B 92 -1.70 13.58 1.50
C PRO B 92 -2.63 14.21 0.48
N GLN B 93 -3.94 14.14 0.73
CA GLN B 93 -4.90 14.72 -0.19
C GLN B 93 -5.50 15.97 0.43
N VAL B 94 -5.73 16.99 -0.39
CA VAL B 94 -6.24 18.26 0.12
C VAL B 94 -7.57 18.64 -0.50
N TYR B 95 -8.62 18.66 0.32
CA TYR B 95 -9.96 18.94 -0.17
C TYR B 95 -10.45 20.34 0.23
N LYS B 96 -10.46 21.25 -0.74
CA LYS B 96 -10.78 22.64 -0.49
C LYS B 96 -12.26 22.82 -0.22
N TRP B 97 -12.58 23.71 0.72
CA TRP B 97 -13.96 24.02 1.04
C TRP B 97 -14.47 25.17 0.18
N ASP B 98 -15.67 25.02 -0.37
CA ASP B 98 -16.32 26.06 -1.14
C ASP B 98 -17.33 26.80 -0.25
N PRO B 99 -17.06 28.09 0.02
CA PRO B 99 -17.89 28.87 0.94
C PRO B 99 -19.26 29.15 0.32
N GLU B 100 -19.28 29.36 -1.00
CA GLU B 100 -20.54 29.51 -1.73
C GLU B 100 -21.32 30.75 -1.28
N GLU C 4 28.23 12.68 -0.50
CA GLU C 4 27.72 12.59 -1.86
C GLU C 4 27.70 11.14 -2.35
N LEU C 5 28.74 10.75 -3.08
CA LEU C 5 28.82 9.43 -3.71
C LEU C 5 27.92 8.76 -4.74
N HIS C 6 27.58 9.51 -5.78
CA HIS C 6 26.87 8.96 -6.93
C HIS C 6 27.57 8.11 -7.98
N THR C 7 26.83 7.17 -8.59
CA THR C 7 27.41 6.27 -9.56
C THR C 7 26.58 6.16 -10.83
N LEU C 8 27.27 6.20 -11.98
CA LEU C 8 26.64 5.90 -13.26
C LEU C 8 27.25 4.62 -13.77
N ARG C 9 26.42 3.65 -14.09
CA ARG C 9 26.94 2.35 -14.49
C ARG C 9 26.19 1.72 -15.65
N TYR C 10 26.95 1.17 -16.59
CA TYR C 10 26.39 0.49 -17.75
C TYR C 10 26.93 -0.93 -17.82
N ILE C 11 26.02 -1.89 -18.01
CA ILE C 11 26.43 -3.28 -18.19
C ILE C 11 25.85 -3.84 -19.47
N ARG C 12 26.69 -4.54 -20.21
CA ARG C 12 26.38 -4.91 -21.58
C ARG C 12 26.63 -6.40 -21.75
N THR C 13 25.63 -7.12 -22.24
CA THR C 13 25.78 -8.54 -22.47
C THR C 13 25.38 -8.93 -23.88
N ALA C 14 26.30 -9.60 -24.58
CA ALA C 14 25.99 -10.17 -25.87
C ALA C 14 26.16 -11.68 -25.81
N MET C 15 25.12 -12.41 -26.15
CA MET C 15 25.15 -13.87 -25.99
C MET C 15 24.65 -14.59 -27.24
N THR C 16 25.18 -15.79 -27.45
CA THR C 16 24.79 -16.62 -28.58
C THR C 16 23.58 -17.48 -28.25
N ASP C 17 23.28 -17.61 -26.96
CA ASP C 17 22.22 -18.51 -26.50
C ASP C 17 21.44 -17.87 -25.34
N PRO C 18 20.64 -16.82 -25.65
CA PRO C 18 19.91 -15.99 -24.69
C PRO C 18 18.93 -16.65 -23.68
N GLY C 19 18.04 -17.56 -24.07
CA GLY C 19 17.69 -17.87 -25.44
C GLY C 19 16.21 -17.60 -25.67
N PRO C 20 15.34 -18.51 -25.18
CA PRO C 20 13.90 -18.53 -25.49
C PRO C 20 13.19 -17.21 -25.20
N GLY C 21 12.77 -16.51 -26.25
CA GLY C 21 12.11 -15.23 -26.13
C GLY C 21 12.97 -14.10 -25.59
N GLN C 22 14.29 -14.31 -25.58
CA GLN C 22 15.20 -13.32 -25.02
C GLN C 22 16.13 -12.73 -26.08
N PRO C 23 16.37 -11.41 -26.01
CA PRO C 23 17.23 -10.72 -26.99
C PRO C 23 18.67 -11.16 -26.81
N TRP C 24 19.41 -11.33 -27.89
CA TRP C 24 20.80 -11.77 -27.78
C TRP C 24 21.71 -10.65 -27.27
N PHE C 25 21.27 -9.40 -27.43
CA PHE C 25 22.05 -8.26 -26.98
C PHE C 25 21.22 -7.34 -26.10
N VAL C 26 21.78 -6.96 -24.95
CA VAL C 26 21.08 -6.15 -23.98
C VAL C 26 22.04 -5.18 -23.33
N THR C 27 21.60 -3.94 -23.12
CA THR C 27 22.34 -3.01 -22.27
C THR C 27 21.40 -2.32 -21.31
N VAL C 28 21.84 -2.16 -20.07
CA VAL C 28 21.07 -1.44 -19.08
C VAL C 28 21.95 -0.48 -18.28
N GLY C 29 21.45 0.73 -18.06
CA GLY C 29 22.18 1.73 -17.32
C GLY C 29 21.54 1.98 -15.96
N TYR C 30 22.37 2.18 -14.94
CA TYR C 30 21.88 2.47 -13.61
C TYR C 30 22.52 3.75 -13.09
N VAL C 31 21.73 4.57 -12.42
CA VAL C 31 22.25 5.72 -11.68
C VAL C 31 21.99 5.49 -10.20
N ASP C 32 23.05 5.56 -9.40
CA ASP C 32 22.97 5.29 -7.97
C ASP C 32 22.29 3.96 -7.68
N GLY C 33 22.55 2.99 -8.55
CA GLY C 33 22.05 1.64 -8.36
C GLY C 33 20.68 1.37 -8.97
N GLU C 34 20.00 2.42 -9.41
CA GLU C 34 18.65 2.26 -9.94
C GLU C 34 18.58 2.32 -11.47
N LEU C 35 17.99 1.28 -12.05
CA LEU C 35 17.86 1.15 -13.50
C LEU C 35 17.11 2.35 -14.06
N PHE C 36 17.67 3.01 -15.07
CA PHE C 36 17.00 4.18 -15.63
C PHE C 36 16.86 4.14 -17.16
N VAL C 37 17.56 3.19 -17.78
CA VAL C 37 17.63 3.15 -19.23
C VAL C 37 17.89 1.73 -19.72
N HIS C 38 17.27 1.35 -20.84
CA HIS C 38 17.38 -0.03 -21.33
C HIS C 38 17.42 -0.12 -22.85
N TYR C 39 18.24 -1.05 -23.35
CA TYR C 39 18.28 -1.34 -24.79
C TYR C 39 18.48 -2.82 -25.07
N ASN C 40 17.81 -3.32 -26.11
CA ASN C 40 18.05 -4.68 -26.56
C ASN C 40 17.86 -4.83 -28.07
N SER C 41 18.33 -5.96 -28.60
CA SER C 41 18.37 -6.19 -30.05
C SER C 41 17.02 -6.57 -30.65
N THR C 42 15.98 -6.59 -29.83
CA THR C 42 14.64 -6.90 -30.31
C THR C 42 13.93 -5.62 -30.66
N ALA C 43 13.75 -4.79 -29.64
CA ALA C 43 13.14 -3.48 -29.81
C ALA C 43 14.05 -2.59 -30.64
N ARG C 44 15.36 -2.78 -30.47
CA ARG C 44 16.35 -1.97 -31.16
C ARG C 44 16.12 -0.49 -30.90
N ARG C 45 15.81 -0.17 -29.66
CA ARG C 45 15.57 1.21 -29.26
C ARG C 45 15.86 1.40 -27.79
N TYR C 46 16.66 2.42 -27.46
CA TYR C 46 16.88 2.78 -26.06
C TYR C 46 15.62 3.44 -25.49
N VAL C 47 15.23 3.02 -24.29
CA VAL C 47 14.02 3.54 -23.67
C VAL C 47 14.24 3.93 -22.22
N PRO C 48 13.51 4.96 -21.76
CA PRO C 48 13.53 5.44 -20.38
C PRO C 48 12.89 4.43 -19.43
N ARG C 49 13.50 4.23 -18.27
CA ARG C 49 12.96 3.31 -17.28
C ARG C 49 12.59 4.02 -15.98
N THR C 50 12.78 5.34 -15.96
CA THR C 50 12.28 6.18 -14.88
C THR C 50 11.60 7.39 -15.50
N GLU C 51 10.72 8.02 -14.74
CA GLU C 51 10.03 9.20 -15.24
C GLU C 51 11.00 10.36 -15.42
N TRP C 52 11.96 10.49 -14.52
CA TRP C 52 12.88 11.61 -14.55
C TRP C 52 13.85 11.63 -15.75
N ILE C 53 14.24 10.47 -16.28
CA ILE C 53 15.07 10.50 -17.48
C ILE C 53 14.25 10.93 -18.69
N ALA C 54 13.04 10.40 -18.79
CA ALA C 54 12.13 10.73 -19.88
C ALA C 54 11.78 12.22 -19.88
N ALA C 55 11.66 12.80 -18.70
CA ALA C 55 11.16 14.16 -18.56
C ALA C 55 12.25 15.21 -18.76
N ASN C 56 13.52 14.78 -18.71
CA ASN C 56 14.63 15.73 -18.75
C ASN C 56 15.53 15.58 -19.98
N THR C 57 15.02 14.94 -21.02
CA THR C 57 15.78 14.74 -22.24
C THR C 57 14.94 15.14 -23.45
N ASP C 58 15.61 15.53 -24.53
CA ASP C 58 14.91 15.83 -25.77
C ASP C 58 15.04 14.67 -26.75
N GLN C 59 14.49 14.83 -27.95
CA GLN C 59 14.51 13.75 -28.93
C GLN C 59 15.92 13.36 -29.35
N GLN C 60 16.82 14.33 -29.53
CA GLN C 60 18.18 13.98 -29.96
C GLN C 60 18.95 13.15 -28.93
N TYR C 61 18.52 13.20 -27.67
CA TYR C 61 19.09 12.34 -26.65
C TYR C 61 18.85 10.89 -27.03
N TRP C 62 17.59 10.58 -27.33
CA TRP C 62 17.18 9.22 -27.67
C TRP C 62 17.58 8.80 -29.08
N ASP C 63 17.71 9.75 -30.00
CA ASP C 63 18.21 9.45 -31.33
C ASP C 63 19.63 8.88 -31.24
N GLY C 64 20.49 9.61 -30.53
CA GLY C 64 21.89 9.25 -30.43
C GLY C 64 22.12 8.00 -29.59
N GLN C 65 21.36 7.87 -28.50
CA GLN C 65 21.45 6.70 -27.63
C GLN C 65 21.00 5.44 -28.35
N THR C 66 19.82 5.51 -28.95
CA THR C 66 19.36 4.42 -29.80
C THR C 66 20.38 4.04 -30.87
N GLN C 67 20.98 5.03 -31.53
CA GLN C 67 22.03 4.73 -32.50
C GLN C 67 23.24 4.04 -31.87
N ILE C 68 23.60 4.47 -30.67
CA ILE C 68 24.75 3.88 -30.00
C ILE C 68 24.44 2.40 -29.78
N GLY C 69 23.25 2.12 -29.26
CA GLY C 69 22.80 0.77 -29.01
C GLY C 69 22.81 -0.10 -30.25
N GLN C 70 22.35 0.45 -31.36
CA GLN C 70 22.31 -0.31 -32.62
C GLN C 70 23.73 -0.48 -33.20
N LEU C 71 24.58 0.51 -32.97
CA LEU C 71 25.97 0.41 -33.33
C LEU C 71 26.66 -0.69 -32.51
N ASN C 72 26.45 -0.64 -31.19
CA ASN C 72 27.05 -1.59 -30.28
C ASN C 72 26.59 -3.01 -30.59
N GLU C 73 25.35 -3.12 -31.03
CA GLU C 73 24.79 -4.41 -31.40
C GLU C 73 25.63 -5.03 -32.51
N GLN C 74 25.80 -4.26 -33.57
CA GLN C 74 26.63 -4.65 -34.70
C GLN C 74 28.05 -4.98 -34.25
N ILE C 75 28.63 -4.12 -33.41
CA ILE C 75 30.01 -4.26 -32.97
C ILE C 75 30.21 -5.50 -32.11
N ASN C 76 29.23 -5.77 -31.24
CA ASN C 76 29.28 -6.92 -30.36
C ASN C 76 29.05 -8.25 -31.06
N ARG C 77 28.26 -8.23 -32.12
CA ARG C 77 28.08 -9.44 -32.91
C ARG C 77 29.43 -9.87 -33.49
N GLU C 78 30.20 -8.90 -33.97
CA GLU C 78 31.54 -9.17 -34.52
C GLU C 78 32.53 -9.58 -33.42
N ASN C 79 32.50 -8.87 -32.30
CA ASN C 79 33.39 -9.18 -31.19
C ASN C 79 33.19 -10.60 -30.63
N LEU C 80 31.95 -11.07 -30.64
CA LEU C 80 31.66 -12.46 -30.30
C LEU C 80 32.42 -13.42 -31.22
N GLY C 81 32.30 -13.19 -32.52
CA GLY C 81 33.00 -14.01 -33.50
C GLY C 81 34.50 -13.94 -33.30
N ILE C 82 34.98 -12.75 -32.97
CA ILE C 82 36.42 -12.53 -32.78
C ILE C 82 36.97 -13.30 -31.57
N ARG C 83 36.33 -13.14 -30.42
CA ARG C 83 36.80 -13.82 -29.22
C ARG C 83 36.69 -15.34 -29.35
N GLN C 84 35.68 -15.80 -30.09
CA GLN C 84 35.53 -17.22 -30.36
C GLN C 84 36.77 -17.78 -31.07
N ARG C 85 37.17 -17.12 -32.15
CA ARG C 85 38.34 -17.53 -32.92
C ARG C 85 39.62 -17.46 -32.08
N ARG C 86 39.76 -16.40 -31.28
CA ARG C 86 40.90 -16.30 -30.37
C ARG C 86 41.04 -17.55 -29.50
N TYR C 87 39.90 -18.11 -29.09
CA TYR C 87 39.91 -19.30 -28.23
C TYR C 87 39.74 -20.59 -29.01
N ASN C 88 39.90 -20.52 -30.32
CA ASN C 88 39.80 -21.71 -31.17
C ASN C 88 38.54 -22.51 -30.93
N GLN C 89 37.47 -21.83 -30.57
CA GLN C 89 36.20 -22.47 -30.29
C GLN C 89 35.35 -22.56 -31.55
N THR C 90 34.44 -23.52 -31.59
CA THR C 90 33.61 -23.73 -32.78
C THR C 90 32.12 -23.52 -32.50
N GLY C 91 31.60 -24.28 -31.53
CA GLY C 91 30.22 -24.16 -31.13
C GLY C 91 30.08 -23.91 -29.65
N GLY C 92 28.87 -24.09 -29.13
CA GLY C 92 28.62 -23.88 -27.71
C GLY C 92 28.14 -22.47 -27.41
N SER C 93 27.77 -22.24 -26.16
CA SER C 93 27.27 -20.95 -25.70
C SER C 93 28.41 -20.01 -25.40
N HIS C 94 28.30 -18.77 -25.87
CA HIS C 94 29.31 -17.78 -25.52
C HIS C 94 28.73 -16.41 -25.19
N THR C 95 29.50 -15.61 -24.47
CA THR C 95 29.09 -14.27 -24.09
C THR C 95 30.24 -13.27 -24.15
N VAL C 96 29.88 -12.02 -24.38
CA VAL C 96 30.79 -10.89 -24.27
C VAL C 96 30.13 -9.90 -23.33
N GLN C 97 30.86 -9.47 -22.32
CA GLN C 97 30.29 -8.56 -21.35
C GLN C 97 31.14 -7.33 -21.19
N TRP C 98 30.49 -6.18 -21.15
CA TRP C 98 31.16 -4.94 -20.84
C TRP C 98 30.56 -4.32 -19.60
N MET C 99 31.41 -3.91 -18.67
CA MET C 99 30.97 -3.17 -17.51
C MET C 99 31.78 -1.89 -17.43
N PHE C 100 31.09 -0.75 -17.38
CA PHE C 100 31.78 0.53 -17.32
C PHE C 100 30.95 1.63 -16.70
N GLY C 101 31.62 2.69 -16.27
CA GLY C 101 30.94 3.82 -15.68
C GLY C 101 31.88 4.68 -14.87
N CYS C 102 31.30 5.54 -14.05
CA CYS C 102 32.07 6.51 -13.29
C CYS C 102 31.43 6.75 -11.92
N ASP C 103 32.27 7.14 -10.96
CA ASP C 103 31.77 7.52 -9.64
C ASP C 103 32.13 8.97 -9.35
N ILE C 104 31.31 9.60 -8.53
CA ILE C 104 31.58 10.93 -8.01
C ILE C 104 31.59 10.84 -6.49
N LEU C 105 32.69 11.22 -5.86
CA LEU C 105 32.82 11.05 -4.41
C LEU C 105 33.11 12.38 -3.72
N GLU C 106 33.42 12.30 -2.43
CA GLU C 106 33.56 13.47 -1.56
C GLU C 106 34.68 14.48 -1.79
N ASP C 107 35.88 13.98 -2.06
CA ASP C 107 37.08 14.80 -2.21
C ASP C 107 37.34 15.74 -3.37
N GLY C 108 37.44 15.17 -4.57
CA GLY C 108 37.38 15.95 -5.78
C GLY C 108 35.96 15.58 -6.14
N THR C 109 35.74 14.34 -6.55
CA THR C 109 36.80 13.40 -6.89
C THR C 109 36.17 12.27 -7.70
N ILE C 110 36.84 11.86 -8.77
CA ILE C 110 36.21 11.00 -9.77
C ILE C 110 36.86 9.63 -9.91
N ARG C 111 36.02 8.61 -10.03
CA ARG C 111 36.50 7.27 -10.37
C ARG C 111 35.89 6.85 -11.70
N GLY C 112 36.62 6.04 -12.45
CA GLY C 112 36.12 5.51 -13.71
C GLY C 112 36.58 4.08 -13.92
N TYR C 113 35.80 3.32 -14.69
CA TYR C 113 36.18 1.95 -14.98
C TYR C 113 35.53 1.44 -16.27
N ARG C 114 36.25 0.58 -16.98
CA ARG C 114 35.79 -0.04 -18.20
C ARG C 114 36.50 -1.39 -18.37
N GLN C 115 35.73 -2.45 -18.25
CA GLN C 115 36.30 -3.79 -18.18
C GLN C 115 35.41 -4.75 -18.93
N SER C 116 36.00 -5.79 -19.49
CA SER C 116 35.25 -6.73 -20.30
C SER C 116 35.59 -8.18 -19.94
N ALA C 117 34.66 -9.07 -20.21
CA ALA C 117 34.85 -10.49 -19.95
C ALA C 117 34.37 -11.30 -21.14
N TYR C 118 34.92 -12.49 -21.30
CA TYR C 118 34.47 -13.41 -22.33
C TYR C 118 34.11 -14.73 -21.68
N ASP C 119 32.90 -15.21 -21.92
CA ASP C 119 32.38 -16.38 -21.22
C ASP C 119 32.52 -16.18 -19.70
N GLY C 120 32.28 -14.96 -19.25
CA GLY C 120 32.25 -14.68 -17.83
C GLY C 120 33.63 -14.60 -17.22
N ARG C 121 34.65 -14.69 -18.06
CA ARG C 121 36.03 -14.61 -17.58
C ARG C 121 36.67 -13.29 -17.98
N ASP C 122 37.42 -12.70 -17.06
CA ASP C 122 38.19 -11.50 -17.35
C ASP C 122 38.94 -11.66 -18.67
N PHE C 123 38.78 -10.68 -19.55
CA PHE C 123 39.39 -10.72 -20.87
C PHE C 123 40.35 -9.54 -21.00
N ILE C 124 39.79 -8.33 -20.94
CA ILE C 124 40.60 -7.11 -20.99
C ILE C 124 39.93 -5.96 -20.24
N ALA C 125 40.75 -5.06 -19.70
CA ALA C 125 40.25 -3.90 -19.00
C ALA C 125 41.21 -2.74 -19.16
N LEU C 126 40.68 -1.53 -18.98
CA LEU C 126 41.47 -0.32 -19.17
C LEU C 126 42.13 0.13 -17.88
N ASP C 127 43.36 0.61 -17.98
CA ASP C 127 44.09 1.21 -16.87
C ASP C 127 44.25 2.70 -17.16
N LYS C 128 43.18 3.44 -16.92
CA LYS C 128 43.09 4.84 -17.34
C LYS C 128 44.33 5.70 -17.06
N ASP C 129 44.92 5.56 -15.88
CA ASP C 129 46.04 6.43 -15.51
C ASP C 129 47.33 6.05 -16.22
N MET C 130 47.47 4.76 -16.55
CA MET C 130 48.62 4.31 -17.30
C MET C 130 48.32 4.39 -18.80
N LYS C 131 47.12 4.88 -19.12
CA LYS C 131 46.66 5.03 -20.49
C LYS C 131 46.88 3.78 -21.34
N THR C 132 46.55 2.63 -20.78
CA THR C 132 46.79 1.35 -21.44
C THR C 132 45.69 0.35 -21.11
N PHE C 133 45.65 -0.74 -21.87
CA PHE C 133 44.73 -1.84 -21.61
C PHE C 133 45.49 -3.05 -21.06
N THR C 134 44.90 -3.70 -20.06
CA THR C 134 45.51 -4.89 -19.48
C THR C 134 44.87 -6.16 -20.03
N ALA C 135 45.64 -6.93 -20.78
CA ALA C 135 45.18 -8.22 -21.28
C ALA C 135 45.22 -9.21 -20.14
N ALA C 136 44.04 -9.68 -19.73
CA ALA C 136 43.95 -10.61 -18.61
C ALA C 136 44.34 -12.01 -19.06
N VAL C 137 44.20 -12.27 -20.35
CA VAL C 137 44.56 -13.54 -20.95
C VAL C 137 45.33 -13.30 -22.23
N PRO C 138 46.21 -14.25 -22.62
CA PRO C 138 47.01 -14.13 -23.83
C PRO C 138 46.13 -13.89 -25.06
N GLU C 139 44.91 -14.42 -25.00
CA GLU C 139 43.96 -14.32 -26.11
C GLU C 139 43.49 -12.88 -26.33
N ALA C 140 43.83 -12.00 -25.40
CA ALA C 140 43.41 -10.61 -25.45
C ALA C 140 44.57 -9.67 -25.79
N VAL C 141 45.77 -10.24 -25.91
CA VAL C 141 46.95 -9.43 -26.22
C VAL C 141 46.83 -8.70 -27.56
N PRO C 142 46.44 -9.43 -28.62
CA PRO C 142 46.25 -8.76 -29.91
C PRO C 142 45.29 -7.59 -29.82
N THR C 143 44.30 -7.68 -28.94
CA THR C 143 43.34 -6.61 -28.75
C THR C 143 43.99 -5.41 -28.10
N LYS C 144 44.75 -5.67 -27.03
CA LYS C 144 45.55 -4.66 -26.36
C LYS C 144 46.44 -3.89 -27.35
N ARG C 145 47.26 -4.63 -28.10
CA ARG C 145 48.20 -4.00 -29.04
C ARG C 145 47.50 -3.09 -30.05
N LYS C 146 46.51 -3.65 -30.75
CA LYS C 146 45.70 -2.90 -31.70
C LYS C 146 45.14 -1.62 -31.08
N TRP C 147 44.50 -1.75 -29.91
CA TRP C 147 43.87 -0.60 -29.26
C TRP C 147 44.88 0.46 -28.84
N GLU C 148 46.05 0.03 -28.42
CA GLU C 148 47.04 0.98 -27.93
C GLU C 148 47.68 1.76 -29.08
N GLU C 149 47.50 1.29 -30.31
CA GLU C 149 48.03 2.00 -31.46
C GLU C 149 46.95 2.75 -32.22
N GLU C 150 45.70 2.62 -31.75
CA GLU C 150 44.57 3.34 -32.33
C GLU C 150 44.09 4.41 -31.36
N SER C 151 44.78 4.54 -30.24
CA SER C 151 44.42 5.51 -29.20
C SER C 151 43.06 5.21 -28.54
N GLU C 152 42.69 3.94 -28.47
CA GLU C 152 41.51 3.55 -27.69
C GLU C 152 41.54 4.09 -26.28
N PRO C 153 42.71 4.01 -25.61
CA PRO C 153 42.72 4.46 -24.20
C PRO C 153 42.31 5.93 -24.09
N GLU C 154 42.85 6.78 -24.96
CA GLU C 154 42.50 8.20 -24.97
C GLU C 154 40.99 8.40 -25.07
N ARG C 155 40.38 7.67 -25.98
CA ARG C 155 38.95 7.79 -26.27
C ARG C 155 38.10 7.45 -25.04
N TRP C 156 38.60 6.52 -24.24
CA TRP C 156 37.89 6.06 -23.06
C TRP C 156 38.27 6.83 -21.78
N LYS C 157 39.47 7.41 -21.76
CA LYS C 157 39.81 8.33 -20.67
C LYS C 157 38.91 9.54 -20.76
N ASN C 158 38.70 10.04 -21.98
CA ASN C 158 37.85 11.18 -22.23
C ASN C 158 36.40 10.93 -21.83
N TYR C 159 35.85 9.80 -22.28
CA TYR C 159 34.48 9.43 -21.90
C TYR C 159 34.34 9.31 -20.38
N LEU C 160 35.26 8.59 -19.75
CA LEU C 160 35.17 8.31 -18.33
C LEU C 160 35.29 9.54 -17.44
N GLU C 161 36.30 10.37 -17.70
CA GLU C 161 36.57 11.54 -16.87
C GLU C 161 35.72 12.78 -17.22
N GLU C 162 35.18 12.83 -18.43
CA GLU C 162 34.42 14.00 -18.87
C GLU C 162 32.95 13.67 -19.12
N THR C 163 32.70 13.00 -20.24
CA THR C 163 31.35 12.72 -20.69
C THR C 163 30.53 12.00 -19.65
N CYS C 164 31.08 10.92 -19.09
CA CYS C 164 30.39 10.11 -18.11
C CYS C 164 30.06 10.88 -16.83
N VAL C 165 31.06 11.63 -16.34
CA VAL C 165 30.90 12.42 -15.12
C VAL C 165 29.92 13.55 -15.32
N GLU C 166 30.03 14.24 -16.45
CA GLU C 166 29.16 15.37 -16.74
C GLU C 166 27.70 14.93 -16.83
N TRP C 167 27.46 13.77 -17.41
CA TRP C 167 26.10 13.24 -17.50
C TRP C 167 25.59 12.72 -16.15
N LEU C 168 26.48 12.15 -15.35
CA LEU C 168 26.11 11.67 -14.03
C LEU C 168 25.58 12.83 -13.19
N ARG C 169 26.30 13.94 -13.21
CA ARG C 169 25.88 15.11 -12.44
C ARG C 169 24.49 15.57 -12.85
N ARG C 170 24.16 15.44 -14.13
CA ARG C 170 22.83 15.84 -14.60
C ARG C 170 21.77 14.84 -14.17
N TYR C 171 22.07 13.55 -14.33
CA TYR C 171 21.11 12.51 -14.00
C TYR C 171 20.69 12.58 -12.54
N VAL C 172 21.68 12.73 -11.67
CA VAL C 172 21.45 12.87 -10.24
C VAL C 172 20.55 14.06 -9.93
N GLU C 173 20.71 15.13 -10.71
CA GLU C 173 19.93 16.34 -10.53
C GLU C 173 18.49 16.13 -11.01
N TYR C 174 18.33 15.42 -12.12
CA TYR C 174 17.02 15.08 -12.63
C TYR C 174 16.25 14.18 -11.67
N GLY C 175 16.91 13.12 -11.21
CA GLY C 175 16.25 12.13 -10.38
C GLY C 175 16.36 12.40 -8.89
N LYS C 176 16.58 13.65 -8.53
CA LYS C 176 16.80 14.02 -7.14
C LYS C 176 15.69 13.53 -6.22
N ALA C 177 14.43 13.81 -6.56
CA ALA C 177 13.32 13.36 -5.73
C ALA C 177 13.29 11.82 -5.58
N GLU C 178 13.24 11.13 -6.72
CA GLU C 178 13.12 9.69 -6.72
C GLU C 178 14.33 8.99 -6.09
N LEU C 179 15.53 9.36 -6.53
CA LEU C 179 16.77 8.79 -5.99
C LEU C 179 16.93 9.10 -4.50
N GLY C 180 16.45 10.27 -4.08
CA GLY C 180 16.62 10.71 -2.71
C GLY C 180 15.48 10.34 -1.77
N ARG C 181 14.43 9.73 -2.32
CA ARG C 181 13.28 9.35 -1.51
C ARG C 181 13.67 8.29 -0.48
N ARG C 182 12.82 8.16 0.55
CA ARG C 182 13.00 7.11 1.55
C ARG C 182 11.71 6.33 1.67
N GLU C 183 11.79 5.01 1.50
CA GLU C 183 10.65 4.14 1.77
C GLU C 183 10.96 3.22 2.95
N ARG C 184 10.18 3.32 4.02
CA ARG C 184 10.39 2.50 5.21
C ARG C 184 9.99 1.06 4.96
N PRO C 185 10.77 0.12 5.50
CA PRO C 185 10.44 -1.31 5.31
C PRO C 185 9.30 -1.77 6.22
N GLU C 186 8.51 -2.73 5.74
CA GLU C 186 7.57 -3.43 6.61
C GLU C 186 8.32 -4.60 7.22
N VAL C 187 8.61 -4.50 8.51
CA VAL C 187 9.41 -5.50 9.20
C VAL C 187 8.54 -6.54 9.87
N ARG C 188 8.98 -7.78 9.87
CA ARG C 188 8.33 -8.83 10.63
C ARG C 188 9.34 -9.72 11.33
N VAL C 189 9.01 -10.12 12.56
CA VAL C 189 9.78 -11.14 13.25
C VAL C 189 8.90 -12.35 13.46
N TRP C 190 9.32 -13.48 12.89
CA TRP C 190 8.61 -14.75 13.02
C TRP C 190 9.41 -15.69 13.92
N GLY C 191 8.71 -16.45 14.76
CA GLY C 191 9.38 -17.35 15.68
C GLY C 191 8.66 -18.65 15.90
N LYS C 192 9.42 -19.74 16.07
CA LYS C 192 8.83 -21.05 16.34
C LYS C 192 9.78 -21.97 17.10
N GLU C 193 9.27 -22.60 18.15
CA GLU C 193 10.03 -23.59 18.90
C GLU C 193 9.62 -24.99 18.45
N ALA C 194 10.56 -25.72 17.87
CA ALA C 194 10.29 -27.06 17.41
C ALA C 194 10.78 -28.36 18.06
N ASP C 195 12.08 -28.62 17.98
CA ASP C 195 12.65 -29.85 18.51
C ASP C 195 13.84 -29.34 19.30
N GLY C 196 13.58 -28.70 20.44
CA GLY C 196 14.64 -28.18 21.27
C GLY C 196 15.35 -26.98 20.69
N ILE C 197 14.82 -26.45 19.59
CA ILE C 197 15.40 -25.25 19.01
C ILE C 197 14.37 -24.18 18.65
N LEU C 198 14.70 -22.93 18.96
CA LEU C 198 13.86 -21.80 18.63
C LEU C 198 14.43 -21.11 17.39
N THR C 199 13.67 -21.14 16.30
CA THR C 199 14.09 -20.48 15.07
C THR C 199 13.44 -19.10 14.98
N LEU C 200 14.28 -18.07 14.88
CA LEU C 200 13.79 -16.70 14.76
C LEU C 200 14.13 -16.13 13.39
N SER C 201 13.15 -15.55 12.73
CA SER C 201 13.37 -14.93 11.44
C SER C 201 12.94 -13.47 11.47
N CYS C 202 13.80 -12.60 10.94
CA CYS C 202 13.46 -11.19 10.84
C CYS C 202 13.59 -10.71 9.40
N ARG C 203 12.48 -10.24 8.83
CA ARG C 203 12.46 -9.86 7.43
C ARG C 203 11.99 -8.42 7.25
N ALA C 204 12.55 -7.73 6.26
CA ALA C 204 12.09 -6.37 5.92
C ALA C 204 11.64 -6.31 4.46
N HIS C 205 10.45 -5.76 4.23
CA HIS C 205 9.89 -5.67 2.90
C HIS C 205 9.91 -4.25 2.35
N GLY C 206 10.12 -4.14 1.04
CA GLY C 206 9.98 -2.90 0.31
C GLY C 206 10.73 -1.68 0.81
N PHE C 207 11.99 -1.85 1.18
CA PHE C 207 12.78 -0.70 1.62
C PHE C 207 13.60 -0.02 0.51
N TYR C 208 13.68 1.30 0.56
CA TYR C 208 14.55 2.07 -0.33
C TYR C 208 15.13 3.26 0.44
N PRO C 209 16.42 3.53 0.27
CA PRO C 209 17.36 2.90 -0.67
C PRO C 209 17.80 1.49 -0.29
N ARG C 210 18.71 0.93 -1.09
CA ARG C 210 19.12 -0.48 -1.00
C ARG C 210 19.94 -0.84 0.23
N PRO C 211 20.89 0.03 0.62
CA PRO C 211 21.67 -0.28 1.82
C PRO C 211 20.77 -0.47 3.04
N ILE C 212 20.98 -1.56 3.76
CA ILE C 212 20.26 -1.86 4.97
C ILE C 212 21.12 -2.83 5.78
N VAL C 213 20.93 -2.83 7.10
CA VAL C 213 21.53 -3.86 7.93
C VAL C 213 20.47 -4.45 8.85
N VAL C 214 20.28 -5.76 8.74
CA VAL C 214 19.37 -6.47 9.64
C VAL C 214 20.17 -7.46 10.46
N SER C 215 20.03 -7.38 11.77
CA SER C 215 20.81 -8.24 12.66
C SER C 215 20.04 -8.60 13.92
N TRP C 216 20.38 -9.75 14.47
CA TRP C 216 19.76 -10.21 15.70
C TRP C 216 20.66 -9.87 16.88
N LEU C 217 20.08 -9.26 17.90
CA LEU C 217 20.85 -8.93 19.09
C LEU C 217 20.29 -9.71 20.28
N LYS C 218 21.18 -10.17 21.16
CA LYS C 218 20.78 -10.88 22.36
C LYS C 218 21.09 -10.04 23.59
N ASP C 219 20.07 -9.79 24.42
CA ASP C 219 20.24 -8.95 25.58
C ASP C 219 20.81 -7.59 25.16
N GLY C 220 20.57 -7.22 23.92
CA GLY C 220 21.06 -5.98 23.33
C GLY C 220 22.47 -5.88 22.73
N ALA C 221 23.06 -7.00 22.35
CA ALA C 221 24.36 -7.08 21.63
C ALA C 221 24.35 -8.18 20.57
N VAL C 222 25.23 -8.08 19.59
CA VAL C 222 25.16 -8.92 18.40
C VAL C 222 25.33 -10.32 18.80
N ARG C 223 24.37 -11.18 18.57
CA ARG C 223 24.70 -12.52 18.80
C ARG C 223 24.31 -13.33 17.66
N GLY C 224 25.25 -13.32 16.75
CA GLY C 224 25.23 -14.07 15.56
C GLY C 224 25.54 -15.51 15.93
N GLN C 225 24.57 -16.09 16.56
CA GLN C 225 24.68 -17.46 16.76
C GLN C 225 25.04 -18.08 15.44
N ASP C 226 25.64 -17.41 14.45
CA ASP C 226 25.49 -18.20 13.26
C ASP C 226 24.19 -17.73 12.62
N ALA C 227 23.96 -16.45 12.66
CA ALA C 227 22.89 -15.84 11.91
C ALA C 227 23.09 -16.05 10.44
N HIS C 228 22.02 -16.24 9.71
CA HIS C 228 22.06 -16.46 8.29
C HIS C 228 21.22 -15.45 7.61
N SER C 229 21.64 -15.05 6.43
CA SER C 229 20.86 -14.09 5.65
C SER C 229 20.92 -14.42 4.17
N GLY C 230 19.84 -14.12 3.47
CA GLY C 230 19.79 -14.31 2.03
C GLY C 230 20.34 -13.10 1.29
N GLY C 231 20.87 -12.13 2.03
CA GLY C 231 21.39 -10.92 1.42
C GLY C 231 20.26 -9.99 1.01
N ILE C 232 20.61 -8.93 0.29
CA ILE C 232 19.64 -7.94 -0.17
C ILE C 232 19.20 -8.26 -1.60
N VAL C 233 17.91 -8.52 -1.77
CA VAL C 233 17.36 -8.93 -3.05
C VAL C 233 16.29 -7.96 -3.49
N PRO C 234 16.15 -7.76 -4.81
CA PRO C 234 15.30 -6.69 -5.37
C PRO C 234 13.82 -7.04 -5.46
N ASN C 235 12.97 -6.04 -5.27
CA ASN C 235 11.57 -6.15 -5.63
C ASN C 235 11.37 -5.57 -7.03
N GLY C 236 10.19 -5.76 -7.60
CA GLY C 236 9.93 -5.32 -8.97
C GLY C 236 9.75 -3.82 -9.12
N ASP C 237 9.44 -3.16 -7.99
CA ASP C 237 9.10 -1.74 -7.99
C ASP C 237 10.27 -0.84 -7.61
N GLY C 238 11.48 -1.38 -7.59
CA GLY C 238 12.64 -0.57 -7.24
C GLY C 238 12.90 -0.51 -5.74
N THR C 239 12.12 -1.23 -4.95
CA THR C 239 12.46 -1.40 -3.54
C THR C 239 13.20 -2.73 -3.35
N TYR C 240 13.62 -3.01 -2.12
CA TYR C 240 14.41 -4.19 -1.84
C TYR C 240 13.88 -5.02 -0.68
N HIS C 241 14.52 -6.15 -0.43
CA HIS C 241 14.03 -7.14 0.52
C HIS C 241 15.20 -7.92 1.10
N THR C 242 15.07 -8.34 2.36
CA THR C 242 16.08 -9.14 2.99
C THR C 242 15.53 -9.85 4.21
N TRP C 243 16.10 -11.01 4.53
CA TRP C 243 15.75 -11.72 5.76
C TRP C 243 17.03 -12.14 6.46
N VAL C 244 16.94 -12.30 7.78
CA VAL C 244 18.03 -12.85 8.58
C VAL C 244 17.45 -13.79 9.63
N THR C 245 17.92 -15.03 9.65
CA THR C 245 17.45 -15.97 10.67
C THR C 245 18.52 -16.28 11.69
N ILE C 246 18.08 -16.76 12.84
CA ILE C 246 18.99 -17.15 13.90
C ILE C 246 18.27 -18.20 14.70
N GLU C 247 19.04 -19.09 15.33
CA GLU C 247 18.44 -20.10 16.17
C GLU C 247 18.87 -19.92 17.62
N ALA C 248 17.98 -20.27 18.54
CA ALA C 248 18.23 -20.07 19.95
C ALA C 248 17.65 -21.23 20.72
N GLN C 249 17.73 -21.14 22.05
CA GLN C 249 17.14 -22.16 22.90
C GLN C 249 15.69 -21.82 23.16
N PRO C 250 14.83 -22.82 23.30
CA PRO C 250 13.44 -22.51 23.65
C PRO C 250 13.41 -21.72 24.94
N GLY C 251 12.46 -20.78 25.03
CA GLY C 251 12.32 -19.96 26.21
C GLY C 251 13.11 -18.68 26.11
N ASP C 252 14.00 -18.61 25.12
CA ASP C 252 14.87 -17.45 24.95
C ASP C 252 14.23 -16.35 24.09
N GLY C 253 12.98 -16.55 23.70
CA GLY C 253 12.28 -15.61 22.83
C GLY C 253 12.45 -14.13 23.17
N ASP C 254 12.34 -13.78 24.43
CA ASP C 254 12.41 -12.38 24.83
C ASP C 254 13.84 -11.92 25.13
N LYS C 255 14.81 -12.74 24.76
CA LYS C 255 16.21 -12.39 24.94
C LYS C 255 16.76 -11.75 23.68
N TYR C 256 16.02 -11.88 22.58
CA TYR C 256 16.49 -11.44 21.27
C TYR C 256 15.67 -10.30 20.68
N GLN C 257 16.37 -9.38 20.05
CA GLN C 257 15.73 -8.27 19.35
C GLN C 257 16.32 -8.17 17.95
N CYS C 258 15.47 -7.90 16.96
CA CYS C 258 15.95 -7.68 15.61
C CYS C 258 16.13 -6.19 15.36
N ARG C 259 17.35 -5.80 14.98
CA ARG C 259 17.66 -4.39 14.72
C ARG C 259 17.69 -4.07 13.23
N VAL C 260 16.93 -3.06 12.83
CA VAL C 260 16.89 -2.64 11.44
C VAL C 260 17.47 -1.25 11.22
N GLU C 261 18.69 -1.21 10.70
CA GLU C 261 19.38 0.04 10.39
C GLU C 261 19.17 0.42 8.94
N HIS C 262 18.46 1.53 8.72
CA HIS C 262 18.12 1.94 7.37
C HIS C 262 17.98 3.46 7.31
N ALA C 263 18.21 4.01 6.13
CA ALA C 263 18.23 5.46 5.95
C ALA C 263 16.86 6.11 6.17
N SER C 264 15.80 5.34 5.99
CA SER C 264 14.45 5.84 6.19
C SER C 264 14.08 5.91 7.66
N LEU C 265 14.98 5.42 8.52
CA LEU C 265 14.73 5.36 9.96
C LEU C 265 15.73 6.24 10.73
N PRO C 266 15.23 7.31 11.37
CA PRO C 266 16.03 8.26 12.14
C PRO C 266 16.81 7.55 13.23
N GLN C 267 16.21 6.50 13.76
CA GLN C 267 16.85 5.63 14.75
C GLN C 267 16.60 4.20 14.29
N PRO C 268 17.59 3.31 14.47
CA PRO C 268 17.39 1.92 14.03
C PRO C 268 16.20 1.29 14.73
N GLY C 269 15.38 0.56 13.97
CA GLY C 269 14.18 -0.05 14.50
C GLY C 269 14.47 -1.33 15.26
N LEU C 270 13.91 -1.46 16.46
CA LEU C 270 14.03 -2.68 17.24
C LEU C 270 12.71 -3.44 17.28
N TYR C 271 12.74 -4.72 16.96
CA TYR C 271 11.54 -5.55 16.93
C TYR C 271 11.70 -6.80 17.80
N SER C 272 10.62 -7.21 18.45
CA SER C 272 10.62 -8.39 19.31
C SER C 272 9.70 -9.47 18.76
N TRP C 273 9.94 -10.71 19.15
CA TRP C 273 9.02 -11.78 18.84
C TRP C 273 7.80 -11.63 19.72
N LYS C 274 6.68 -11.22 19.11
CA LYS C 274 5.47 -10.94 19.87
C LYS C 274 4.31 -11.82 19.43
N LEU C 275 4.35 -12.27 18.18
CA LEU C 275 3.30 -13.13 17.65
C LEU C 275 3.87 -14.24 16.77
N ASP D 4 31.38 -22.16 -7.54
CA ASP D 4 30.14 -22.71 -8.11
C ASP D 4 29.40 -21.66 -8.93
N LEU D 5 28.91 -22.06 -10.10
CA LEU D 5 28.18 -21.14 -10.96
C LEU D 5 26.72 -21.56 -11.17
N THR D 6 26.20 -22.35 -10.23
CA THR D 6 24.78 -22.72 -10.24
C THR D 6 23.96 -21.57 -9.65
N PRO D 7 22.70 -21.44 -10.08
CA PRO D 7 21.82 -20.36 -9.61
C PRO D 7 21.53 -20.42 -8.10
N LYS D 8 21.87 -19.36 -7.39
CA LYS D 8 21.48 -19.21 -6.00
C LYS D 8 20.14 -18.51 -5.94
N VAL D 9 19.12 -19.21 -5.44
CA VAL D 9 17.73 -18.81 -5.62
C VAL D 9 17.05 -18.40 -4.33
N GLN D 10 16.18 -17.40 -4.43
CA GLN D 10 15.37 -16.97 -3.31
C GLN D 10 13.96 -16.62 -3.74
N VAL D 11 13.01 -17.02 -2.92
CA VAL D 11 11.60 -16.76 -3.17
C VAL D 11 11.06 -15.95 -2.00
N TYR D 12 10.35 -14.87 -2.31
CA TYR D 12 9.84 -13.96 -1.29
C TYR D 12 8.73 -13.11 -1.89
N SER D 13 7.85 -12.60 -1.03
CA SER D 13 6.78 -11.73 -1.48
C SER D 13 7.11 -10.26 -1.24
N ARG D 14 6.54 -9.39 -2.07
CA ARG D 14 6.77 -7.95 -1.96
C ARG D 14 6.30 -7.39 -0.62
N PHE D 15 5.09 -7.76 -0.22
CA PHE D 15 4.53 -7.34 1.07
C PHE D 15 4.45 -8.52 2.03
N PRO D 16 4.42 -8.23 3.34
CA PRO D 16 4.14 -9.31 4.30
C PRO D 16 2.90 -10.07 3.82
N ALA D 17 2.97 -11.39 3.80
CA ALA D 17 1.95 -12.19 3.13
C ALA D 17 0.76 -12.49 4.01
N SER D 18 -0.42 -12.43 3.40
CA SER D 18 -1.67 -12.68 4.09
C SER D 18 -2.67 -13.26 3.09
N ALA D 19 -3.18 -14.46 3.39
CA ALA D 19 -4.13 -15.12 2.50
C ALA D 19 -5.33 -14.22 2.21
N GLY D 20 -5.59 -13.96 0.93
CA GLY D 20 -6.71 -13.12 0.53
C GLY D 20 -6.33 -11.67 0.23
N THR D 21 -5.11 -11.29 0.55
CA THR D 21 -4.65 -9.93 0.29
C THR D 21 -3.70 -9.89 -0.90
N LYS D 22 -3.99 -9.01 -1.86
CA LYS D 22 -3.17 -8.86 -3.06
C LYS D 22 -1.70 -8.62 -2.72
N ASN D 23 -0.81 -9.18 -3.53
CA ASN D 23 0.63 -9.19 -3.26
C ASN D 23 1.38 -9.53 -4.55
N VAL D 24 2.70 -9.61 -4.46
CA VAL D 24 3.51 -10.03 -5.59
C VAL D 24 4.49 -11.12 -5.14
N LEU D 25 4.59 -12.20 -5.92
CA LEU D 25 5.56 -13.26 -5.63
C LEU D 25 6.83 -13.07 -6.44
N ASN D 26 7.98 -13.13 -5.77
CA ASN D 26 9.27 -12.90 -6.40
C ASN D 26 10.19 -14.11 -6.36
N CYS D 27 10.87 -14.35 -7.47
CA CYS D 27 11.94 -15.35 -7.52
C CYS D 27 13.22 -14.73 -8.07
N PHE D 28 14.26 -14.70 -7.24
CA PHE D 28 15.54 -14.13 -7.63
C PHE D 28 16.62 -15.21 -7.72
N ALA D 29 17.29 -15.26 -8.86
CA ALA D 29 18.38 -16.20 -9.10
C ALA D 29 19.63 -15.42 -9.49
N ALA D 30 20.76 -15.78 -8.91
CA ALA D 30 21.99 -15.03 -9.16
C ALA D 30 23.23 -15.92 -9.07
N GLY D 31 24.38 -15.34 -9.44
CA GLY D 31 25.65 -16.04 -9.37
C GLY D 31 25.80 -17.15 -10.40
N PHE D 32 25.06 -17.07 -11.50
CA PHE D 32 25.04 -18.17 -12.46
C PHE D 32 25.62 -17.85 -13.84
N HIS D 33 26.07 -18.90 -14.51
CA HIS D 33 26.55 -18.81 -15.89
C HIS D 33 26.36 -20.18 -16.53
N PRO D 34 25.93 -20.21 -17.81
CA PRO D 34 25.67 -19.08 -18.71
C PRO D 34 24.40 -18.30 -18.38
N PRO D 35 24.19 -17.17 -19.07
CA PRO D 35 23.00 -16.34 -18.83
C PRO D 35 21.69 -17.09 -19.07
N LYS D 36 21.67 -18.08 -19.96
CA LYS D 36 20.41 -18.79 -20.22
C LYS D 36 19.90 -19.50 -18.98
N ILE D 37 18.66 -19.20 -18.62
CA ILE D 37 18.08 -19.77 -17.42
C ILE D 37 16.58 -19.78 -17.57
N SER D 38 15.95 -20.80 -17.00
CA SER D 38 14.50 -20.88 -17.01
C SER D 38 14.03 -20.77 -15.57
N ILE D 39 13.16 -19.80 -15.34
CA ILE D 39 12.63 -19.53 -14.00
C ILE D 39 11.13 -19.42 -14.10
N THR D 40 10.42 -20.33 -13.44
CA THR D 40 8.97 -20.36 -13.49
C THR D 40 8.35 -20.35 -12.10
N LEU D 41 7.50 -19.36 -11.83
CA LEU D 41 6.74 -19.29 -10.59
C LEU D 41 5.64 -20.33 -10.62
N MET D 42 5.36 -20.93 -9.46
CA MET D 42 4.44 -22.04 -9.44
C MET D 42 3.55 -22.05 -8.20
N LYS D 43 2.29 -22.44 -8.42
CA LYS D 43 1.31 -22.51 -7.35
C LYS D 43 0.71 -23.92 -7.30
N ASP D 44 0.88 -24.59 -6.17
CA ASP D 44 0.36 -25.95 -5.99
C ASP D 44 0.78 -26.84 -7.15
N GLY D 45 2.04 -26.72 -7.57
CA GLY D 45 2.59 -27.57 -8.61
C GLY D 45 2.28 -27.17 -10.04
N VAL D 46 1.69 -25.99 -10.24
CA VAL D 46 1.33 -25.54 -11.58
C VAL D 46 1.76 -24.08 -11.83
N PRO D 47 2.30 -23.81 -13.03
CA PRO D 47 2.80 -22.49 -13.40
C PRO D 47 1.76 -21.37 -13.24
N MET D 48 2.17 -20.27 -12.63
CA MET D 48 1.26 -19.16 -12.34
C MET D 48 0.94 -18.29 -13.56
N GLU D 49 -0.06 -17.42 -13.40
CA GLU D 49 -0.62 -16.62 -14.49
C GLU D 49 0.21 -15.69 -15.37
N GLY D 50 0.76 -14.63 -14.77
CA GLY D 50 1.42 -13.58 -15.54
C GLY D 50 2.68 -13.45 -14.70
N ALA D 51 3.82 -13.69 -15.33
CA ALA D 51 5.12 -13.59 -14.66
C ALA D 51 5.84 -12.52 -15.47
N GLN D 52 6.57 -11.64 -14.79
CA GLN D 52 7.37 -10.62 -15.46
C GLN D 52 8.82 -10.99 -15.28
N TYR D 53 9.66 -10.79 -16.27
CA TYR D 53 11.06 -11.14 -16.17
C TYR D 53 11.87 -9.87 -16.18
N SER D 54 13.02 -9.89 -15.55
CA SER D 54 13.88 -8.77 -15.62
C SER D 54 14.78 -8.98 -16.82
N ASP D 55 15.33 -7.89 -17.28
CA ASP D 55 16.21 -7.93 -18.42
C ASP D 55 17.50 -8.43 -17.86
N MET D 56 18.33 -8.99 -18.72
CA MET D 56 19.60 -9.56 -18.31
C MET D 56 20.53 -8.50 -17.73
N SER D 57 21.03 -8.74 -16.54
CA SER D 57 22.06 -7.93 -15.91
C SER D 57 23.02 -8.86 -15.16
N PHE D 58 24.13 -8.32 -14.67
CA PHE D 58 25.10 -9.14 -13.96
C PHE D 58 25.80 -8.42 -12.80
N ASN D 59 26.50 -9.16 -11.96
CA ASN D 59 27.27 -8.54 -10.88
C ASN D 59 28.67 -8.18 -11.31
N ASP D 60 29.41 -7.58 -10.40
CA ASP D 60 30.78 -7.14 -10.66
C ASP D 60 31.69 -8.31 -10.99
N ASP D 61 31.30 -9.50 -10.54
CA ASP D 61 32.11 -10.69 -10.76
C ASP D 61 31.67 -11.42 -12.03
N TRP D 62 30.89 -10.72 -12.85
CA TRP D 62 30.44 -11.22 -14.16
C TRP D 62 29.45 -12.37 -14.11
N THR D 63 28.89 -12.64 -12.94
CA THR D 63 27.92 -13.73 -12.80
C THR D 63 26.57 -13.05 -13.03
N PHE D 64 25.64 -13.76 -13.66
CA PHE D 64 24.34 -13.20 -14.02
C PHE D 64 23.32 -13.32 -12.90
N GLN D 65 22.22 -12.60 -13.06
CA GLN D 65 21.12 -12.66 -12.13
C GLN D 65 19.83 -12.27 -12.85
N ARG D 66 18.71 -12.76 -12.33
CA ARG D 66 17.42 -12.44 -12.91
C ARG D 66 16.33 -12.48 -11.85
N LEU D 67 15.45 -11.49 -11.89
CA LEU D 67 14.29 -11.46 -11.03
C LEU D 67 13.06 -11.81 -11.84
N VAL D 68 12.27 -12.74 -11.31
CA VAL D 68 10.98 -13.03 -11.88
C VAL D 68 9.91 -12.72 -10.85
N HIS D 69 8.90 -11.96 -11.25
CA HIS D 69 7.83 -11.59 -10.33
C HIS D 69 6.45 -11.62 -11.00
N ALA D 70 5.42 -11.84 -10.20
CA ALA D 70 4.06 -11.84 -10.70
C ALA D 70 3.08 -11.44 -9.60
N ASP D 71 2.11 -10.61 -9.94
CA ASP D 71 1.04 -10.28 -9.02
C ASP D 71 0.29 -11.55 -8.65
N PHE D 72 -0.08 -11.66 -7.39
CA PHE D 72 -0.92 -12.78 -6.96
C PHE D 72 -1.62 -12.50 -5.65
N THR D 73 -2.71 -13.21 -5.42
CA THR D 73 -3.39 -13.20 -4.13
C THR D 73 -3.19 -14.57 -3.50
N PRO D 74 -2.36 -14.65 -2.45
CA PRO D 74 -2.08 -15.91 -1.78
C PRO D 74 -3.37 -16.61 -1.40
N SER D 75 -3.43 -17.92 -1.63
CA SER D 75 -4.62 -18.70 -1.27
C SER D 75 -4.34 -19.59 -0.06
N SER D 76 -5.30 -19.68 0.86
CA SER D 76 -5.11 -20.39 2.12
C SER D 76 -4.62 -21.83 1.94
N GLY D 77 -3.52 -22.16 2.59
CA GLY D 77 -3.01 -23.52 2.57
C GLY D 77 -2.27 -23.88 1.29
N SER D 78 -2.29 -22.97 0.31
CA SER D 78 -1.60 -23.21 -0.96
C SER D 78 -0.09 -23.19 -0.79
N THR D 79 0.59 -23.93 -1.67
CA THR D 79 2.05 -23.97 -1.67
C THR D 79 2.58 -23.29 -2.92
N TYR D 80 3.40 -22.26 -2.75
CA TYR D 80 4.01 -21.57 -3.87
C TYR D 80 5.49 -21.91 -3.95
N ALA D 81 6.03 -21.92 -5.16
CA ALA D 81 7.42 -22.33 -5.38
C ALA D 81 7.98 -21.77 -6.67
N CYS D 82 9.30 -21.82 -6.82
CA CYS D 82 9.96 -21.34 -8.03
C CYS D 82 10.81 -22.46 -8.64
N LYS D 83 10.49 -22.81 -9.87
CA LYS D 83 11.20 -23.89 -10.57
C LYS D 83 12.26 -23.30 -11.49
N VAL D 84 13.48 -23.82 -11.37
CA VAL D 84 14.63 -23.30 -12.10
C VAL D 84 15.30 -24.42 -12.91
N GLU D 85 15.54 -24.14 -14.19
CA GLU D 85 16.25 -25.09 -15.04
C GLU D 85 17.45 -24.35 -15.64
N HIS D 86 18.61 -25.01 -15.57
CA HIS D 86 19.86 -24.37 -15.94
C HIS D 86 20.89 -25.45 -16.27
N GLU D 87 21.81 -25.13 -17.17
CA GLU D 87 22.78 -26.11 -17.66
C GLU D 87 23.70 -26.66 -16.55
N THR D 88 23.94 -25.88 -15.51
CA THR D 88 24.76 -26.34 -14.39
C THR D 88 24.01 -27.32 -13.50
N LEU D 89 22.73 -27.52 -13.81
CA LEU D 89 21.87 -28.41 -13.03
C LEU D 89 21.42 -29.56 -13.91
N LYS D 90 21.65 -30.78 -13.45
CA LYS D 90 21.23 -31.96 -14.19
C LYS D 90 19.71 -32.02 -14.28
N GLU D 91 19.05 -31.51 -13.24
CA GLU D 91 17.60 -31.54 -13.18
C GLU D 91 17.06 -30.24 -12.60
N PRO D 92 15.77 -29.96 -12.85
CA PRO D 92 15.18 -28.71 -12.36
C PRO D 92 15.17 -28.68 -10.84
N GLN D 93 15.57 -27.55 -10.26
CA GLN D 93 15.48 -27.38 -8.81
C GLN D 93 14.26 -26.54 -8.48
N VAL D 94 13.45 -27.04 -7.55
CA VAL D 94 12.25 -26.34 -7.10
C VAL D 94 12.49 -25.77 -5.72
N TYR D 95 12.27 -24.47 -5.57
CA TYR D 95 12.47 -23.78 -4.30
C TYR D 95 11.14 -23.25 -3.75
N LYS D 96 10.79 -23.68 -2.55
CA LYS D 96 9.52 -23.30 -1.92
C LYS D 96 9.52 -21.88 -1.37
N TRP D 97 8.37 -21.23 -1.44
CA TRP D 97 8.19 -19.95 -0.77
C TRP D 97 7.73 -20.15 0.66
N ASP D 98 8.53 -19.69 1.61
CA ASP D 98 8.06 -19.62 2.99
C ASP D 98 7.10 -18.44 3.10
N PRO D 99 5.79 -18.74 3.18
CA PRO D 99 4.73 -17.73 3.12
C PRO D 99 4.50 -16.68 4.19
N GLU D 100 4.50 -17.10 5.45
CA GLU D 100 4.14 -16.22 6.56
C GLU D 100 4.75 -16.80 7.84
N ILE E 1 -28.69 -2.59 24.96
CA ILE E 1 -27.41 -2.71 25.68
C ILE E 1 -26.39 -3.51 24.90
N ASP E 2 -25.13 -3.17 25.11
CA ASP E 2 -23.99 -3.93 24.58
C ASP E 2 -23.89 -5.27 25.33
N TRP E 3 -23.20 -6.23 24.73
CA TRP E 3 -23.15 -7.60 25.23
C TRP E 3 -21.76 -8.20 24.98
N PHE E 4 -21.40 -9.27 25.68
CA PHE E 4 -20.04 -9.80 25.56
C PHE E 4 -19.80 -10.73 24.36
N ASP E 5 -18.63 -10.61 23.74
CA ASP E 5 -18.28 -11.45 22.62
C ASP E 5 -17.86 -12.83 23.11
N GLY E 6 -17.95 -13.82 22.23
CA GLY E 6 -17.39 -15.12 22.52
C GLY E 6 -15.94 -15.12 22.11
N LYS E 7 -15.21 -16.12 22.56
CA LYS E 7 -13.79 -16.24 22.22
C LYS E 7 -13.64 -16.92 20.86
N ASP E 8 -12.84 -16.32 19.97
CA ASP E 8 -12.61 -16.92 18.66
C ASP E 8 -11.90 -18.27 18.77
N ILE F 1 25.23 8.74 -20.36
CA ILE F 1 24.93 8.13 -21.65
C ILE F 1 25.81 6.91 -21.93
N ASP F 2 25.25 5.95 -22.67
CA ASP F 2 25.98 4.79 -23.18
C ASP F 2 26.93 5.24 -24.29
N TRP F 3 28.01 4.48 -24.51
CA TRP F 3 28.94 4.78 -25.60
C TRP F 3 29.33 3.53 -26.40
N PHE F 4 29.91 3.70 -27.58
CA PHE F 4 30.15 2.55 -28.46
C PHE F 4 31.49 1.84 -28.26
N ASP F 5 31.44 0.52 -28.33
CA ASP F 5 32.62 -0.32 -28.10
C ASP F 5 33.60 -0.23 -29.25
N GLY F 6 34.87 -0.49 -28.95
CA GLY F 6 35.86 -0.65 -29.98
C GLY F 6 35.79 -2.06 -30.56
N LYS F 7 36.30 -2.23 -31.76
CA LYS F 7 36.40 -3.55 -32.37
C LYS F 7 37.55 -4.32 -31.72
N ASP F 8 37.24 -5.51 -31.20
CA ASP F 8 38.25 -6.36 -30.58
C ASP F 8 39.42 -6.64 -31.53
#